data_2IZ4
#
_entry.id   2IZ4
#
_cell.length_a   1.000
_cell.length_b   1.000
_cell.length_c   1.000
_cell.angle_alpha   90.00
_cell.angle_beta   90.00
_cell.angle_gamma   90.00
#
_symmetry.space_group_name_H-M   'P 1'
#
_entity_poly.entity_id   1
_entity_poly.type   'polypeptide(L)'
_entity_poly.pdbx_seq_one_letter_code
;GGGQCYFIPNQSLKPNECQDLKGVSHPLNSVWKTKDCEECTCGQDAISCCNTAAIPTGYDTNKCQKILNKKTCTYTVVEK
KDPGKTCDVTGWVL
;
_entity_poly.pdbx_strand_id   A
#
# COMPACT_ATOMS: atom_id res chain seq x y z
N GLN A 4 -0.37 -3.34 -10.09
CA GLN A 4 0.04 -3.18 -8.69
C GLN A 4 -0.86 -2.18 -7.98
N CYS A 5 -1.82 -1.61 -8.72
CA CYS A 5 -2.74 -0.62 -8.16
C CYS A 5 -4.19 -1.10 -8.27
N TYR A 6 -5.11 -0.31 -7.71
CA TYR A 6 -6.52 -0.67 -7.77
C TYR A 6 -7.43 0.53 -7.52
N PHE A 7 -8.48 0.63 -8.33
CA PHE A 7 -9.44 1.73 -8.22
C PHE A 7 -10.44 1.46 -7.10
N ILE A 8 -10.90 2.55 -6.47
CA ILE A 8 -11.89 2.46 -5.39
C ILE A 8 -13.09 3.34 -5.77
N PRO A 9 -14.32 2.87 -5.63
CA PRO A 9 -15.51 3.69 -5.99
C PRO A 9 -15.77 4.79 -4.95
N ASN A 10 -15.39 6.01 -5.28
CA ASN A 10 -15.57 7.14 -4.38
C ASN A 10 -16.98 7.14 -3.81
N GLN A 11 -17.08 7.44 -2.51
CA GLN A 11 -18.39 7.48 -1.84
C GLN A 11 -18.76 8.93 -1.55
N SER A 12 -18.38 9.83 -2.46
CA SER A 12 -18.66 11.26 -2.28
C SER A 12 -19.55 11.81 -3.39
N LEU A 13 -20.35 12.80 -3.03
CA LEU A 13 -21.25 13.46 -3.96
C LEU A 13 -20.63 14.76 -4.46
N LYS A 14 -19.38 15.00 -4.06
CA LYS A 14 -18.68 16.23 -4.45
C LYS A 14 -17.80 15.97 -5.69
N PRO A 15 -17.94 16.74 -6.75
CA PRO A 15 -17.11 16.56 -7.98
C PRO A 15 -15.71 17.16 -7.83
N ASN A 16 -15.47 17.81 -6.68
CA ASN A 16 -14.17 18.43 -6.40
C ASN A 16 -13.48 17.76 -5.21
N GLU A 17 -14.16 16.78 -4.63
CA GLU A 17 -13.60 16.06 -3.47
C GLU A 17 -14.06 14.60 -3.44
N CYS A 18 -13.14 13.75 -3.01
CA CYS A 18 -13.42 12.33 -2.88
C CYS A 18 -13.50 11.96 -1.42
N GLN A 19 -14.40 11.03 -1.09
CA GLN A 19 -14.55 10.60 0.29
C GLN A 19 -13.98 9.19 0.45
N ASP A 20 -13.25 8.98 1.54
CA ASP A 20 -12.65 7.69 1.81
C ASP A 20 -13.54 6.87 2.74
N LEU A 21 -13.05 5.71 3.14
CA LEU A 21 -13.79 4.84 4.03
C LEU A 21 -13.91 5.42 5.43
N LYS A 22 -12.92 6.24 5.82
CA LYS A 22 -12.91 6.86 7.14
C LYS A 22 -13.75 8.13 7.19
N GLY A 23 -14.38 8.45 6.07
CA GLY A 23 -15.22 9.64 5.99
C GLY A 23 -14.41 10.91 5.79
N VAL A 24 -13.11 10.77 5.56
CA VAL A 24 -12.24 11.93 5.35
C VAL A 24 -12.20 12.29 3.86
N SER A 25 -12.30 13.59 3.57
CA SER A 25 -12.30 14.06 2.17
C SER A 25 -10.98 14.75 1.83
N HIS A 26 -10.62 14.72 0.55
CA HIS A 26 -9.38 15.35 0.09
C HIS A 26 -9.64 16.17 -1.18
N PRO A 27 -8.94 17.27 -1.39
CA PRO A 27 -9.14 18.11 -2.61
C PRO A 27 -8.80 17.33 -3.89
N LEU A 28 -9.53 17.62 -4.96
CA LEU A 28 -9.30 16.95 -6.24
C LEU A 28 -7.81 16.95 -6.63
N ASN A 29 -7.48 16.15 -7.66
CA ASN A 29 -6.10 16.08 -8.18
C ASN A 29 -5.05 16.00 -7.07
N SER A 30 -5.49 15.86 -5.83
CA SER A 30 -4.57 15.81 -4.70
C SER A 30 -4.14 14.38 -4.42
N VAL A 31 -2.85 14.22 -4.10
CA VAL A 31 -2.30 12.91 -3.79
C VAL A 31 -1.93 12.83 -2.32
N TRP A 32 -2.70 12.07 -1.54
CA TRP A 32 -2.44 11.92 -0.11
C TRP A 32 -2.02 10.49 0.18
N LYS A 33 -1.62 10.23 1.41
CA LYS A 33 -1.17 8.90 1.81
C LYS A 33 -1.93 8.43 3.06
N THR A 34 -2.22 7.14 3.10
CA THR A 34 -2.96 6.55 4.22
C THR A 34 -2.05 5.66 5.06
N LYS A 35 -2.67 4.87 5.92
CA LYS A 35 -1.94 3.98 6.80
C LYS A 35 -1.09 3.01 5.98
N ASP A 36 -1.62 2.62 4.83
CA ASP A 36 -0.92 1.70 3.93
C ASP A 36 0.11 2.44 3.08
N CYS A 37 0.56 3.59 3.56
CA CYS A 37 1.56 4.41 2.85
C CYS A 37 1.38 4.33 1.34
N GLU A 38 0.14 4.14 0.90
CA GLU A 38 -0.15 4.06 -0.53
C GLU A 38 -0.37 5.47 -1.06
N GLU A 39 -0.46 5.59 -2.39
CA GLU A 39 -0.72 6.88 -3.02
C GLU A 39 -2.08 6.85 -3.65
N CYS A 40 -2.96 7.73 -3.18
CA CYS A 40 -4.33 7.82 -3.69
C CYS A 40 -4.62 9.20 -4.24
N THR A 41 -5.13 9.24 -5.48
CA THR A 41 -5.48 10.51 -6.12
C THR A 41 -6.99 10.56 -6.34
N CYS A 42 -7.57 11.70 -5.97
CA CYS A 42 -9.01 11.89 -6.13
C CYS A 42 -9.35 12.34 -7.54
N GLY A 43 -9.98 11.45 -8.31
CA GLY A 43 -10.37 11.78 -9.67
C GLY A 43 -11.70 12.48 -9.70
N GLN A 44 -12.77 11.69 -9.57
CA GLN A 44 -14.12 12.23 -9.55
C GLN A 44 -15.06 11.26 -8.84
N ASP A 45 -15.33 10.12 -9.48
CA ASP A 45 -16.20 9.10 -8.91
C ASP A 45 -15.41 7.85 -8.57
N ALA A 46 -14.08 7.94 -8.68
CA ALA A 46 -13.23 6.81 -8.38
C ALA A 46 -11.83 7.26 -7.98
N ILE A 47 -11.38 6.81 -6.82
CA ILE A 47 -10.06 7.15 -6.33
C ILE A 47 -9.04 6.15 -6.86
N SER A 48 -7.94 6.64 -7.42
CA SER A 48 -6.90 5.76 -7.94
C SER A 48 -5.84 5.54 -6.88
N CYS A 49 -5.85 4.37 -6.25
CA CYS A 49 -4.89 4.06 -5.19
C CYS A 49 -3.87 3.07 -5.68
N CYS A 50 -2.68 3.14 -5.07
CA CYS A 50 -1.61 2.22 -5.42
C CYS A 50 -0.62 2.01 -4.27
N ASN A 51 0.01 0.85 -4.29
CA ASN A 51 0.99 0.49 -3.26
C ASN A 51 2.35 1.08 -3.57
N THR A 52 2.98 1.69 -2.56
CA THR A 52 4.31 2.29 -2.72
C THR A 52 5.32 1.64 -1.78
N ALA A 53 4.92 0.59 -1.07
CA ALA A 53 5.85 -0.09 -0.17
C ALA A 53 6.79 -0.98 -0.96
N ALA A 54 8.08 -0.76 -0.78
CA ALA A 54 9.10 -1.53 -1.49
C ALA A 54 8.98 -3.04 -1.21
N ILE A 55 8.97 -3.85 -2.27
CA ILE A 55 8.86 -5.29 -2.12
C ILE A 55 10.24 -5.96 -2.18
N PRO A 56 10.76 -6.49 -1.09
CA PRO A 56 12.11 -7.15 -1.07
C PRO A 56 12.13 -8.42 -1.92
N THR A 57 13.32 -8.83 -2.36
CA THR A 57 13.44 -10.04 -3.17
C THR A 57 14.78 -10.74 -2.90
N GLY A 58 14.95 -11.92 -3.49
CA GLY A 58 16.19 -12.67 -3.33
C GLY A 58 16.23 -13.48 -2.04
N TYR A 59 15.17 -13.40 -1.23
CA TYR A 59 15.12 -14.14 0.02
C TYR A 59 14.79 -15.60 -0.25
N ASP A 60 14.85 -16.43 0.78
CA ASP A 60 14.59 -17.85 0.62
C ASP A 60 13.10 -18.14 0.58
N THR A 61 12.56 -18.31 -0.61
CA THR A 61 11.14 -18.57 -0.78
C THR A 61 10.70 -19.83 -0.06
N ASN A 62 11.63 -20.73 0.23
CA ASN A 62 11.28 -21.98 0.92
C ASN A 62 11.57 -21.88 2.41
N LYS A 63 12.36 -20.86 2.81
CA LYS A 63 12.72 -20.69 4.21
C LYS A 63 12.50 -19.24 4.67
N CYS A 64 11.71 -18.51 3.88
CA CYS A 64 11.39 -17.12 4.24
C CYS A 64 10.08 -16.66 3.60
N GLN A 65 9.48 -15.63 4.20
CA GLN A 65 8.21 -15.09 3.70
C GLN A 65 8.21 -13.57 3.77
N LYS A 66 7.28 -12.95 3.05
CA LYS A 66 7.18 -11.48 3.04
C LYS A 66 5.94 -11.04 3.79
N ILE A 67 6.14 -10.22 4.82
CA ILE A 67 5.04 -9.71 5.63
C ILE A 67 5.09 -8.18 5.69
N LEU A 68 4.00 -7.53 5.29
CA LEU A 68 3.96 -6.06 5.30
C LEU A 68 3.47 -5.58 6.66
N ASN A 69 4.34 -4.84 7.35
CA ASN A 69 3.98 -4.31 8.66
C ASN A 69 3.15 -3.06 8.47
N LYS A 70 2.09 -2.92 9.26
CA LYS A 70 1.21 -1.76 9.14
C LYS A 70 1.59 -0.71 10.19
N LYS A 71 2.51 -1.08 11.07
CA LYS A 71 2.95 -0.14 12.09
C LYS A 71 3.70 1.00 11.43
N THR A 72 4.74 0.65 10.66
CA THR A 72 5.56 1.66 9.99
C THR A 72 5.35 1.63 8.48
N CYS A 73 4.45 0.77 8.03
CA CYS A 73 4.15 0.63 6.61
C CYS A 73 5.42 0.35 5.79
N THR A 74 6.04 -0.80 6.06
CA THR A 74 7.24 -1.22 5.36
C THR A 74 7.29 -2.74 5.28
N TYR A 75 7.91 -3.27 4.24
CA TYR A 75 8.01 -4.70 4.08
C TYR A 75 9.17 -5.25 4.90
N THR A 76 8.97 -6.46 5.42
CA THR A 76 9.98 -7.16 6.19
C THR A 76 9.98 -8.60 5.78
N VAL A 77 11.10 -9.30 5.99
CA VAL A 77 11.19 -10.71 5.62
C VAL A 77 11.77 -11.49 6.78
N VAL A 78 11.06 -12.52 7.22
CA VAL A 78 11.52 -13.35 8.32
C VAL A 78 11.46 -14.82 7.94
N GLU A 79 12.25 -15.62 8.65
CA GLU A 79 12.29 -17.04 8.37
C GLU A 79 10.99 -17.69 8.79
N LYS A 80 10.28 -18.27 7.84
CA LYS A 80 9.02 -18.93 8.16
C LYS A 80 9.25 -19.88 9.34
N LYS A 81 10.47 -20.42 9.42
CA LYS A 81 10.84 -21.31 10.51
C LYS A 81 11.15 -20.50 11.76
N ASP A 82 11.56 -19.25 11.54
CA ASP A 82 11.90 -18.33 12.64
C ASP A 82 11.26 -16.96 12.39
N PRO A 83 10.10 -16.67 12.95
CA PRO A 83 9.43 -15.36 12.73
C PRO A 83 10.10 -14.25 13.52
N GLY A 84 11.00 -14.65 14.42
CA GLY A 84 11.71 -13.69 15.27
C GLY A 84 13.06 -13.30 14.67
N LYS A 85 13.34 -13.77 13.44
CA LYS A 85 14.60 -13.45 12.78
C LYS A 85 14.35 -13.03 11.34
N THR A 86 15.30 -12.26 10.79
CA THR A 86 15.19 -11.75 9.42
C THR A 86 15.78 -12.73 8.42
N CYS A 87 15.50 -12.49 7.14
CA CYS A 87 16.02 -13.34 6.06
C CYS A 87 17.18 -12.66 5.35
N ASP A 88 17.10 -12.57 4.03
CA ASP A 88 18.14 -11.93 3.24
C ASP A 88 17.51 -11.36 1.98
N VAL A 89 17.85 -10.12 1.62
CA VAL A 89 17.29 -9.50 0.42
C VAL A 89 18.41 -8.95 -0.44
N THR A 90 18.27 -9.10 -1.76
CA THR A 90 19.30 -8.62 -2.68
C THR A 90 18.90 -7.28 -3.30
N GLY A 91 17.68 -6.83 -2.99
CA GLY A 91 17.21 -5.54 -3.52
C GLY A 91 15.73 -5.56 -3.84
N TRP A 92 15.01 -4.61 -3.27
CA TRP A 92 13.57 -4.52 -3.47
C TRP A 92 13.23 -3.94 -4.84
N VAL A 93 11.92 -3.82 -5.06
CA VAL A 93 11.39 -3.27 -6.30
C VAL A 93 10.07 -2.53 -6.02
N LEU A 94 9.75 -1.57 -6.88
CA LEU A 94 8.52 -0.79 -6.74
C LEU A 94 7.99 -0.42 -8.13
N GLN A 4 0.90 -2.88 -8.75
CA GLN A 4 1.47 -2.61 -7.44
C GLN A 4 0.63 -1.57 -6.71
N CYS A 5 -0.51 -1.21 -7.30
CA CYS A 5 -1.42 -0.22 -6.72
C CYS A 5 -2.84 -0.78 -6.66
N TYR A 6 -3.74 -0.04 -6.00
CA TYR A 6 -5.13 -0.49 -5.87
C TYR A 6 -6.10 0.70 -5.91
N PHE A 7 -7.14 0.55 -6.72
CA PHE A 7 -8.15 1.58 -6.88
C PHE A 7 -9.36 1.33 -5.98
N ILE A 8 -9.96 2.42 -5.50
CA ILE A 8 -11.14 2.34 -4.64
C ILE A 8 -12.35 2.94 -5.37
N PRO A 9 -13.49 2.30 -5.37
CA PRO A 9 -14.69 2.86 -6.05
C PRO A 9 -15.28 4.00 -5.26
N ASN A 10 -15.06 5.21 -5.74
CA ASN A 10 -15.56 6.40 -5.08
C ASN A 10 -17.02 6.22 -4.68
N GLN A 11 -17.28 6.32 -3.38
CA GLN A 11 -18.64 6.16 -2.88
C GLN A 11 -19.41 7.45 -3.06
N SER A 12 -18.71 8.50 -3.50
CA SER A 12 -19.35 9.80 -3.70
C SER A 12 -19.97 9.89 -5.09
N LEU A 13 -20.79 10.91 -5.28
CA LEU A 13 -21.44 11.15 -6.56
C LEU A 13 -20.97 12.48 -7.16
N LYS A 14 -19.98 13.10 -6.51
CA LYS A 14 -19.44 14.38 -6.96
C LYS A 14 -18.23 14.17 -7.90
N PRO A 15 -18.23 14.72 -9.10
CA PRO A 15 -17.09 14.57 -10.03
C PRO A 15 -15.90 15.46 -9.64
N ASN A 16 -16.13 16.36 -8.67
CA ASN A 16 -15.08 17.28 -8.22
C ASN A 16 -14.35 16.75 -6.98
N GLU A 17 -14.87 15.66 -6.41
CA GLU A 17 -14.26 15.08 -5.21
C GLU A 17 -14.52 13.58 -5.15
N CYS A 18 -13.83 12.90 -4.23
CA CYS A 18 -14.02 11.47 -4.02
C CYS A 18 -14.27 11.18 -2.55
N GLN A 19 -15.22 10.29 -2.27
CA GLN A 19 -15.53 9.91 -0.89
C GLN A 19 -14.93 8.55 -0.58
N ASP A 20 -14.18 8.46 0.51
CA ASP A 20 -13.56 7.19 0.91
C ASP A 20 -14.46 6.44 1.88
N LEU A 21 -13.99 5.29 2.36
CA LEU A 21 -14.76 4.49 3.29
C LEU A 21 -14.95 5.24 4.61
N LYS A 22 -13.98 6.07 4.96
CA LYS A 22 -14.05 6.84 6.20
C LYS A 22 -14.97 8.06 6.03
N GLY A 23 -15.76 8.05 4.98
CA GLY A 23 -16.69 9.14 4.71
C GLY A 23 -15.97 10.48 4.58
N VAL A 24 -14.69 10.43 4.25
CA VAL A 24 -13.88 11.65 4.08
C VAL A 24 -13.74 11.98 2.61
N SER A 25 -13.65 13.28 2.31
CA SER A 25 -13.53 13.73 0.92
C SER A 25 -12.24 14.50 0.68
N HIS A 26 -11.80 14.53 -0.58
CA HIS A 26 -10.57 15.23 -0.94
C HIS A 26 -10.73 15.90 -2.32
N PRO A 27 -10.10 17.02 -2.55
CA PRO A 27 -10.19 17.71 -3.88
C PRO A 27 -9.71 16.81 -5.02
N LEU A 28 -10.41 16.87 -6.14
CA LEU A 28 -10.07 16.06 -7.32
C LEU A 28 -8.68 16.45 -7.84
N ASN A 29 -7.87 15.41 -8.14
CA ASN A 29 -6.52 15.61 -8.68
C ASN A 29 -5.48 15.80 -7.58
N SER A 30 -5.94 16.00 -6.35
CA SER A 30 -5.04 16.22 -5.23
C SER A 30 -4.57 14.91 -4.68
N VAL A 31 -3.38 14.90 -4.11
CA VAL A 31 -2.81 13.67 -3.54
C VAL A 31 -2.53 13.84 -2.06
N TRP A 32 -2.62 12.73 -1.34
CA TRP A 32 -2.35 12.72 0.09
C TRP A 32 -1.81 11.37 0.50
N LYS A 33 -1.27 11.31 1.72
CA LYS A 33 -0.70 10.07 2.25
C LYS A 33 -1.39 9.73 3.57
N THR A 34 -1.72 8.46 3.75
CA THR A 34 -2.39 7.99 4.97
C THR A 34 -1.40 7.40 5.96
N LYS A 35 -1.94 6.76 6.99
CA LYS A 35 -1.11 6.13 8.02
C LYS A 35 -0.45 4.86 7.49
N ASP A 36 -0.72 4.55 6.23
CA ASP A 36 -0.16 3.36 5.58
C ASP A 36 0.95 3.73 4.59
N CYS A 37 1.62 4.85 4.86
CA CYS A 37 2.70 5.32 4.00
C CYS A 37 2.32 5.21 2.53
N GLU A 38 1.03 4.99 2.27
CA GLU A 38 0.54 4.88 0.92
C GLU A 38 0.20 6.25 0.37
N GLU A 39 -0.04 6.33 -0.94
CA GLU A 39 -0.39 7.60 -1.59
C GLU A 39 -1.71 7.43 -2.34
N CYS A 40 -2.62 8.40 -2.17
CA CYS A 40 -3.94 8.35 -2.83
C CYS A 40 -4.30 9.67 -3.49
N THR A 41 -4.90 9.59 -4.68
CA THR A 41 -5.36 10.78 -5.40
C THR A 41 -6.83 10.61 -5.77
N CYS A 42 -7.62 11.64 -5.52
CA CYS A 42 -9.05 11.58 -5.83
C CYS A 42 -9.29 11.81 -7.32
N GLY A 43 -10.05 10.90 -7.92
CA GLY A 43 -10.39 10.97 -9.33
C GLY A 43 -11.83 11.43 -9.48
N GLN A 44 -12.47 11.02 -10.56
CA GLN A 44 -13.85 11.38 -10.79
C GLN A 44 -14.76 10.48 -9.98
N ASP A 45 -14.77 9.19 -10.33
CA ASP A 45 -15.60 8.21 -9.65
C ASP A 45 -14.74 7.04 -9.16
N ALA A 46 -13.43 7.26 -9.01
CA ALA A 46 -12.55 6.20 -8.54
C ALA A 46 -11.23 6.78 -8.04
N ILE A 47 -10.91 6.51 -6.77
CA ILE A 47 -9.68 6.99 -6.18
C ILE A 47 -8.55 6.01 -6.52
N SER A 48 -7.35 6.53 -6.77
CA SER A 48 -6.21 5.67 -7.10
C SER A 48 -5.22 5.68 -5.96
N CYS A 49 -5.10 4.54 -5.28
CA CYS A 49 -4.17 4.41 -4.16
C CYS A 49 -3.04 3.48 -4.50
N CYS A 50 -1.85 3.79 -3.99
CA CYS A 50 -0.68 2.95 -4.26
C CYS A 50 0.24 2.86 -3.05
N ASN A 51 0.89 1.70 -2.94
CA ASN A 51 1.82 1.43 -1.85
C ASN A 51 3.20 1.98 -2.18
N THR A 52 3.76 2.71 -1.23
CA THR A 52 5.10 3.28 -1.39
C THR A 52 6.11 2.39 -0.68
N ALA A 53 5.65 1.26 -0.16
CA ALA A 53 6.52 0.34 0.57
C ALA A 53 7.25 -0.59 -0.42
N ALA A 54 8.57 -0.58 -0.33
CA ALA A 54 9.40 -1.40 -1.20
C ALA A 54 9.07 -2.89 -1.05
N ILE A 55 8.99 -3.60 -2.18
CA ILE A 55 8.65 -5.03 -2.15
C ILE A 55 9.91 -5.91 -2.36
N PRO A 56 10.46 -6.54 -1.32
CA PRO A 56 11.67 -7.41 -1.46
C PRO A 56 11.41 -8.62 -2.35
N THR A 57 12.47 -9.13 -2.99
CA THR A 57 12.32 -10.30 -3.88
C THR A 57 13.55 -11.20 -3.82
N GLY A 58 13.45 -12.37 -4.45
CA GLY A 58 14.57 -13.30 -4.49
C GLY A 58 14.68 -14.14 -3.22
N TYR A 59 13.75 -13.95 -2.30
CA TYR A 59 13.78 -14.70 -1.06
C TYR A 59 13.22 -16.09 -1.29
N ASP A 60 13.45 -16.96 -0.32
CA ASP A 60 12.98 -18.33 -0.42
C ASP A 60 11.46 -18.33 -0.47
N THR A 61 10.93 -18.36 -1.67
CA THR A 61 9.49 -18.34 -1.85
C THR A 61 8.85 -19.62 -1.38
N ASN A 62 9.64 -20.69 -1.27
CA ASN A 62 9.10 -21.96 -0.82
C ASN A 62 9.34 -22.14 0.67
N LYS A 63 10.10 -21.22 1.26
CA LYS A 63 10.40 -21.30 2.70
C LYS A 63 10.04 -20.01 3.43
N CYS A 64 10.36 -18.87 2.82
CA CYS A 64 10.10 -17.56 3.45
C CYS A 64 8.96 -16.86 2.77
N GLN A 65 8.57 -15.72 3.32
CA GLN A 65 7.47 -14.94 2.76
C GLN A 65 7.65 -13.46 3.02
N LYS A 66 6.88 -12.66 2.30
CA LYS A 66 6.91 -11.20 2.44
C LYS A 66 5.71 -10.72 3.25
N ILE A 67 5.99 -9.94 4.30
CA ILE A 67 4.94 -9.41 5.17
C ILE A 67 5.15 -7.91 5.36
N LEU A 68 4.10 -7.12 5.14
CA LEU A 68 4.20 -5.67 5.30
C LEU A 68 3.89 -5.26 6.73
N ASN A 69 4.88 -4.68 7.40
CA ASN A 69 4.71 -4.24 8.76
C ASN A 69 3.91 -2.94 8.75
N LYS A 70 2.84 -2.88 9.53
CA LYS A 70 2.01 -1.69 9.56
C LYS A 70 2.48 -0.74 10.66
N LYS A 71 3.24 -1.26 11.61
CA LYS A 71 3.74 -0.42 12.68
C LYS A 71 4.56 0.72 12.09
N THR A 72 5.60 0.38 11.33
CA THR A 72 6.47 1.40 10.75
C THR A 72 6.23 1.57 9.25
N CYS A 73 5.36 0.73 8.69
CA CYS A 73 5.04 0.80 7.27
C CYS A 73 6.28 0.45 6.41
N THR A 74 6.79 -0.75 6.64
CA THR A 74 7.96 -1.24 5.90
C THR A 74 7.85 -2.75 5.66
N TYR A 75 8.39 -3.20 4.54
CA TYR A 75 8.34 -4.62 4.20
C TYR A 75 9.46 -5.39 4.89
N THR A 76 9.17 -6.64 5.23
CA THR A 76 10.13 -7.52 5.87
C THR A 76 9.89 -8.93 5.36
N VAL A 77 10.93 -9.75 5.41
CA VAL A 77 10.81 -11.14 4.96
C VAL A 77 11.34 -12.07 6.03
N VAL A 78 10.57 -13.08 6.41
CA VAL A 78 11.00 -14.03 7.43
C VAL A 78 10.66 -15.44 7.00
N GLU A 79 11.31 -16.42 7.64
CA GLU A 79 11.06 -17.81 7.31
C GLU A 79 9.67 -18.24 7.75
N LYS A 80 8.99 -19.02 6.92
CA LYS A 80 7.64 -19.50 7.26
C LYS A 80 7.70 -20.27 8.58
N LYS A 81 8.71 -21.13 8.71
CA LYS A 81 8.90 -21.93 9.93
C LYS A 81 9.46 -21.09 11.06
N ASP A 82 10.17 -20.03 10.69
CA ASP A 82 10.78 -19.13 11.68
C ASP A 82 10.28 -17.70 11.43
N PRO A 83 9.25 -17.26 12.12
CA PRO A 83 8.72 -15.89 11.93
C PRO A 83 9.55 -14.87 12.72
N GLY A 84 10.60 -15.36 13.37
CA GLY A 84 11.49 -14.51 14.17
C GLY A 84 12.86 -14.34 13.51
N LYS A 85 13.04 -14.88 12.30
CA LYS A 85 14.31 -14.77 11.59
C LYS A 85 14.09 -14.28 10.16
N THR A 86 15.07 -13.56 9.65
CA THR A 86 14.99 -13.00 8.30
C THR A 86 15.45 -14.01 7.25
N CYS A 87 15.11 -13.73 6.00
CA CYS A 87 15.48 -14.60 4.88
C CYS A 87 16.59 -13.94 4.05
N ASP A 88 16.37 -13.75 2.76
CA ASP A 88 17.36 -13.13 1.88
C ASP A 88 16.66 -12.40 0.75
N VAL A 89 17.13 -11.22 0.37
CA VAL A 89 16.49 -10.49 -0.74
C VAL A 89 17.56 -10.08 -1.74
N THR A 90 17.22 -10.19 -3.02
CA THR A 90 18.17 -9.83 -4.08
C THR A 90 17.94 -8.42 -4.58
N GLY A 91 16.84 -7.80 -4.16
CA GLY A 91 16.55 -6.43 -4.59
C GLY A 91 15.07 -6.16 -4.63
N TRP A 92 14.66 -5.15 -3.88
CA TRP A 92 13.25 -4.79 -3.81
C TRP A 92 12.83 -4.02 -5.06
N VAL A 93 11.54 -3.73 -5.11
CA VAL A 93 10.96 -3.00 -6.23
C VAL A 93 9.87 -2.04 -5.75
N LEU A 94 9.79 -0.88 -6.41
CA LEU A 94 8.79 0.13 -6.07
C LEU A 94 8.31 0.83 -7.33
N GLN A 4 1.45 -2.63 -9.76
CA GLN A 4 1.48 -2.97 -8.34
C GLN A 4 0.50 -2.12 -7.54
N CYS A 5 0.02 -1.05 -8.15
CA CYS A 5 -0.92 -0.16 -7.50
C CYS A 5 -2.32 -0.77 -7.55
N TYR A 6 -3.30 -0.06 -6.98
CA TYR A 6 -4.68 -0.55 -6.96
C TYR A 6 -5.69 0.58 -7.15
N PHE A 7 -6.96 0.21 -7.16
CA PHE A 7 -8.04 1.18 -7.37
C PHE A 7 -9.19 0.97 -6.41
N ILE A 8 -9.79 2.07 -5.99
CA ILE A 8 -10.95 2.04 -5.09
C ILE A 8 -12.07 2.88 -5.73
N PRO A 9 -13.27 2.37 -5.86
CA PRO A 9 -14.39 3.13 -6.47
C PRO A 9 -14.93 4.21 -5.52
N ASN A 10 -14.68 5.46 -5.85
CA ASN A 10 -15.12 6.56 -5.03
C ASN A 10 -16.64 6.47 -4.78
N GLN A 11 -17.04 6.67 -3.52
CA GLN A 11 -18.45 6.60 -3.14
C GLN A 11 -18.98 8.00 -2.86
N SER A 12 -18.58 8.98 -3.69
CA SER A 12 -19.01 10.38 -3.50
C SER A 12 -19.90 10.85 -4.63
N LEU A 13 -20.80 11.76 -4.30
CA LEU A 13 -21.73 12.33 -5.26
C LEU A 13 -21.18 13.66 -5.78
N LYS A 14 -19.91 13.94 -5.48
CA LYS A 14 -19.28 15.20 -5.92
C LYS A 14 -18.25 14.92 -7.03
N PRO A 15 -18.34 15.56 -8.18
CA PRO A 15 -17.36 15.34 -9.28
C PRO A 15 -16.04 16.08 -9.03
N ASN A 16 -15.96 16.77 -7.90
CA ASN A 16 -14.76 17.53 -7.53
C ASN A 16 -14.07 16.93 -6.29
N GLU A 17 -14.64 15.86 -5.73
CA GLU A 17 -14.07 15.22 -4.55
C GLU A 17 -14.37 13.73 -4.54
N CYS A 18 -13.58 12.98 -3.77
CA CYS A 18 -13.77 11.53 -3.63
C CYS A 18 -13.98 11.20 -2.16
N GLN A 19 -14.95 10.33 -1.87
CA GLN A 19 -15.21 9.91 -0.48
C GLN A 19 -14.48 8.61 -0.21
N ASP A 20 -13.75 8.58 0.90
CA ASP A 20 -13.00 7.39 1.28
C ASP A 20 -13.90 6.46 2.09
N LEU A 21 -13.37 5.31 2.44
CA LEU A 21 -14.13 4.33 3.21
C LEU A 21 -14.44 4.88 4.61
N LYS A 22 -13.52 5.69 5.15
CA LYS A 22 -13.69 6.27 6.48
C LYS A 22 -14.63 7.49 6.41
N GLY A 23 -15.28 7.66 5.26
CA GLY A 23 -16.22 8.77 5.08
C GLY A 23 -15.51 10.11 4.97
N VAL A 24 -14.21 10.07 4.70
CA VAL A 24 -13.41 11.29 4.56
C VAL A 24 -13.28 11.68 3.10
N SER A 25 -13.41 12.99 2.83
CA SER A 25 -13.31 13.51 1.46
C SER A 25 -11.98 14.25 1.25
N HIS A 26 -11.53 14.29 -0.01
CA HIS A 26 -10.28 14.97 -0.37
C HIS A 26 -10.46 15.73 -1.69
N PRO A 27 -9.78 16.85 -1.88
CA PRO A 27 -9.90 17.63 -3.14
C PRO A 27 -9.45 16.80 -4.36
N LEU A 28 -10.17 16.95 -5.47
CA LEU A 28 -9.87 16.22 -6.70
C LEU A 28 -8.51 16.67 -7.25
N ASN A 29 -7.67 15.68 -7.61
CA ASN A 29 -6.34 15.95 -8.18
C ASN A 29 -5.27 16.03 -7.09
N SER A 30 -5.70 16.01 -5.82
CA SER A 30 -4.75 16.11 -4.70
C SER A 30 -4.26 14.72 -4.31
N VAL A 31 -3.17 14.70 -3.54
CA VAL A 31 -2.60 13.44 -3.09
C VAL A 31 -2.42 13.47 -1.57
N TRP A 32 -2.49 12.28 -0.98
CA TRP A 32 -2.30 12.15 0.46
C TRP A 32 -1.85 10.74 0.79
N LYS A 33 -1.48 10.54 2.05
CA LYS A 33 -1.05 9.23 2.52
C LYS A 33 -1.93 8.79 3.68
N THR A 34 -2.32 7.52 3.67
CA THR A 34 -3.20 6.99 4.72
C THR A 34 -2.38 6.23 5.75
N LYS A 35 -3.07 5.76 6.78
CA LYS A 35 -2.42 5.02 7.85
C LYS A 35 -2.16 3.58 7.39
N ASP A 36 -2.29 3.34 6.08
CA ASP A 36 -2.09 2.00 5.51
C ASP A 36 -0.87 1.96 4.60
N CYS A 37 0.14 2.77 4.90
CA CYS A 37 1.35 2.78 4.09
C CYS A 37 0.98 2.75 2.61
N GLU A 38 0.44 3.87 2.13
CA GLU A 38 0.07 3.99 0.72
C GLU A 38 -0.18 5.45 0.34
N GLU A 39 -0.21 5.72 -0.97
CA GLU A 39 -0.48 7.06 -1.49
C GLU A 39 -1.76 6.99 -2.34
N CYS A 40 -2.68 7.93 -2.13
CA CYS A 40 -3.94 7.93 -2.88
C CYS A 40 -4.25 9.30 -3.46
N THR A 41 -4.80 9.28 -4.68
CA THR A 41 -5.20 10.50 -5.38
C THR A 41 -6.68 10.39 -5.72
N CYS A 42 -7.42 11.44 -5.44
CA CYS A 42 -8.85 11.46 -5.71
C CYS A 42 -9.13 11.77 -7.17
N GLY A 43 -10.04 10.98 -7.76
CA GLY A 43 -10.45 11.14 -9.15
C GLY A 43 -11.92 11.53 -9.20
N GLN A 44 -12.61 11.09 -10.26
CA GLN A 44 -14.02 11.39 -10.42
C GLN A 44 -14.86 10.34 -9.70
N ASP A 45 -14.75 9.10 -10.17
CA ASP A 45 -15.51 7.99 -9.59
C ASP A 45 -14.56 6.85 -9.22
N ALA A 46 -13.27 7.15 -9.07
CA ALA A 46 -12.32 6.11 -8.72
C ALA A 46 -11.03 6.71 -8.19
N ILE A 47 -10.68 6.36 -6.96
CA ILE A 47 -9.45 6.84 -6.35
C ILE A 47 -8.32 5.91 -6.75
N SER A 48 -7.18 6.49 -7.10
CA SER A 48 -6.02 5.67 -7.49
C SER A 48 -5.06 5.59 -6.33
N CYS A 49 -4.89 4.38 -5.81
CA CYS A 49 -4.00 4.15 -4.68
C CYS A 49 -2.83 3.28 -5.06
N CYS A 50 -1.69 3.52 -4.42
CA CYS A 50 -0.48 2.73 -4.69
C CYS A 50 0.39 2.57 -3.46
N ASN A 51 1.11 1.44 -3.42
CA ASN A 51 1.99 1.12 -2.30
C ASN A 51 3.23 2.01 -2.30
N THR A 52 3.55 2.55 -1.13
CA THR A 52 4.73 3.39 -0.99
C THR A 52 5.92 2.55 -0.55
N ALA A 53 5.65 1.38 0.03
CA ALA A 53 6.73 0.50 0.50
C ALA A 53 7.26 -0.38 -0.63
N ALA A 54 8.58 -0.45 -0.73
CA ALA A 54 9.25 -1.25 -1.74
C ALA A 54 8.93 -2.73 -1.55
N ILE A 55 8.83 -3.47 -2.66
CA ILE A 55 8.50 -4.90 -2.60
C ILE A 55 9.74 -5.79 -2.73
N PRO A 56 10.23 -6.39 -1.66
CA PRO A 56 11.45 -7.27 -1.74
C PRO A 56 11.19 -8.52 -2.58
N THR A 57 12.25 -9.05 -3.20
CA THR A 57 12.12 -10.25 -4.03
C THR A 57 13.33 -11.16 -3.84
N GLY A 58 13.22 -12.41 -4.32
CA GLY A 58 14.32 -13.37 -4.22
C GLY A 58 14.30 -14.16 -2.91
N TYR A 59 13.28 -13.92 -2.08
CA TYR A 59 13.17 -14.63 -0.81
C TYR A 59 12.60 -16.03 -1.05
N ASP A 60 12.53 -16.83 0.01
CA ASP A 60 12.03 -18.20 -0.12
C ASP A 60 10.52 -18.26 -0.05
N THR A 61 9.91 -18.19 -1.22
CA THR A 61 8.46 -18.22 -1.32
C THR A 61 7.90 -19.48 -0.66
N ASN A 62 8.78 -20.43 -0.37
CA ASN A 62 8.37 -21.69 0.26
C ASN A 62 8.70 -21.68 1.74
N LYS A 63 9.55 -20.75 2.17
CA LYS A 63 9.96 -20.67 3.57
C LYS A 63 10.01 -19.23 4.05
N CYS A 64 9.26 -18.36 3.39
CA CYS A 64 9.22 -16.95 3.79
C CYS A 64 7.91 -16.29 3.40
N GLN A 65 7.60 -15.18 4.08
CA GLN A 65 6.35 -14.45 3.81
C GLN A 65 6.54 -12.94 3.91
N LYS A 66 5.74 -12.21 3.14
CA LYS A 66 5.79 -10.76 3.13
C LYS A 66 4.96 -10.18 4.27
N ILE A 67 5.62 -9.37 5.12
CA ILE A 67 4.92 -8.75 6.25
C ILE A 67 5.12 -7.23 6.21
N LEU A 68 4.13 -6.53 5.67
CA LEU A 68 4.21 -5.08 5.59
C LEU A 68 4.04 -4.46 6.97
N ASN A 69 4.91 -3.49 7.29
CA ASN A 69 4.84 -2.80 8.57
C ASN A 69 4.12 -1.48 8.37
N LYS A 70 3.09 -1.24 9.17
CA LYS A 70 2.33 -0.01 9.03
C LYS A 70 2.89 1.07 9.94
N LYS A 71 3.82 0.67 10.78
CA LYS A 71 4.44 1.62 11.69
C LYS A 71 5.18 2.68 10.89
N THR A 72 6.16 2.23 10.10
CA THR A 72 6.97 3.15 9.30
C THR A 72 6.74 2.94 7.81
N CYS A 73 5.72 2.17 7.47
CA CYS A 73 5.40 1.91 6.07
C CYS A 73 6.64 1.40 5.31
N THR A 74 7.08 0.19 5.71
CA THR A 74 8.23 -0.46 5.08
C THR A 74 8.01 -1.98 5.04
N TYR A 75 8.50 -2.64 3.99
CA TYR A 75 8.33 -4.09 3.86
C TYR A 75 9.48 -4.84 4.53
N THR A 76 9.16 -6.06 4.97
CA THR A 76 10.15 -6.93 5.59
C THR A 76 9.76 -8.38 5.30
N VAL A 77 10.75 -9.26 5.25
CA VAL A 77 10.49 -10.67 4.99
C VAL A 77 11.14 -11.51 6.08
N VAL A 78 10.39 -12.48 6.59
CA VAL A 78 10.90 -13.37 7.62
C VAL A 78 10.42 -14.79 7.34
N GLU A 79 11.08 -15.76 7.94
CA GLU A 79 10.72 -17.15 7.72
C GLU A 79 9.38 -17.49 8.33
N LYS A 80 8.49 -18.03 7.51
CA LYS A 80 7.18 -18.44 7.99
C LYS A 80 7.36 -19.24 9.29
N LYS A 81 8.51 -19.93 9.39
CA LYS A 81 8.83 -20.73 10.56
C LYS A 81 8.99 -19.85 11.80
N ASP A 82 9.36 -18.59 11.56
CA ASP A 82 9.55 -17.62 12.64
C ASP A 82 9.17 -16.23 12.12
N PRO A 83 8.11 -15.61 12.61
CA PRO A 83 7.69 -14.26 12.11
C PRO A 83 8.62 -13.15 12.57
N GLY A 84 9.79 -13.53 13.07
CA GLY A 84 10.78 -12.57 13.54
C GLY A 84 12.19 -12.94 13.12
N LYS A 85 12.31 -13.92 12.23
CA LYS A 85 13.62 -14.37 11.76
C LYS A 85 14.18 -13.40 10.71
N THR A 86 14.81 -13.93 9.66
CA THR A 86 15.35 -13.12 8.59
C THR A 86 15.54 -13.96 7.33
N CYS A 87 14.88 -13.55 6.25
CA CYS A 87 14.99 -14.26 4.98
C CYS A 87 16.12 -13.65 4.14
N ASP A 88 15.90 -13.53 2.84
CA ASP A 88 16.92 -12.96 1.94
C ASP A 88 16.25 -12.30 0.75
N VAL A 89 16.71 -11.12 0.33
CA VAL A 89 16.11 -10.44 -0.81
C VAL A 89 17.19 -10.09 -1.83
N THR A 90 16.88 -10.31 -3.11
CA THR A 90 17.84 -10.04 -4.18
C THR A 90 17.72 -8.60 -4.67
N GLY A 91 16.64 -7.94 -4.28
CA GLY A 91 16.43 -6.56 -4.69
C GLY A 91 14.96 -6.21 -4.78
N TRP A 92 14.57 -5.16 -4.07
CA TRP A 92 13.18 -4.73 -4.06
C TRP A 92 12.85 -3.93 -5.31
N VAL A 93 11.59 -3.55 -5.41
CA VAL A 93 11.10 -2.77 -6.54
C VAL A 93 10.02 -1.80 -6.09
N LEU A 94 10.05 -0.59 -6.67
CA LEU A 94 9.07 0.45 -6.33
C LEU A 94 8.39 0.95 -7.61
N GLN A 4 1.45 -2.93 -8.32
CA GLN A 4 1.19 -3.18 -6.90
C GLN A 4 0.22 -2.15 -6.35
N CYS A 5 -0.39 -1.36 -7.23
CA CYS A 5 -1.34 -0.32 -6.82
C CYS A 5 -2.77 -0.86 -6.84
N TYR A 6 -3.71 -0.08 -6.32
CA TYR A 6 -5.12 -0.51 -6.31
C TYR A 6 -6.07 0.68 -6.30
N PHE A 7 -7.04 0.64 -7.21
CA PHE A 7 -8.04 1.70 -7.35
C PHE A 7 -9.29 1.39 -6.53
N ILE A 8 -9.98 2.44 -6.11
CA ILE A 8 -11.22 2.30 -5.34
C ILE A 8 -12.36 3.00 -6.07
N PRO A 9 -13.52 2.39 -6.21
CA PRO A 9 -14.66 3.03 -6.91
C PRO A 9 -15.28 4.12 -6.04
N ASN A 10 -15.11 5.37 -6.45
CA ASN A 10 -15.64 6.48 -5.71
C ASN A 10 -17.14 6.31 -5.48
N GLN A 11 -17.56 6.47 -4.23
CA GLN A 11 -18.97 6.33 -3.89
C GLN A 11 -19.60 7.72 -3.73
N SER A 12 -18.91 8.74 -4.24
CA SER A 12 -19.39 10.12 -4.15
C SER A 12 -20.03 10.57 -5.46
N LEU A 13 -20.85 11.61 -5.36
CA LEU A 13 -21.52 12.18 -6.53
C LEU A 13 -20.90 13.55 -6.87
N LYS A 14 -19.74 13.84 -6.30
CA LYS A 14 -19.07 15.12 -6.55
C LYS A 14 -17.95 14.97 -7.59
N PRO A 15 -17.96 15.71 -8.67
CA PRO A 15 -16.90 15.60 -9.71
C PRO A 15 -15.59 16.28 -9.28
N ASN A 16 -15.63 16.99 -8.15
CA ASN A 16 -14.45 17.69 -7.63
C ASN A 16 -13.92 17.04 -6.34
N GLU A 17 -14.66 16.05 -5.84
CA GLU A 17 -14.26 15.36 -4.60
C GLU A 17 -14.66 13.88 -4.64
N CYS A 18 -13.81 13.04 -4.05
CA CYS A 18 -14.06 11.61 -3.98
C CYS A 18 -14.43 11.23 -2.57
N GLN A 19 -15.28 10.22 -2.41
CA GLN A 19 -15.68 9.75 -1.08
C GLN A 19 -15.12 8.35 -0.86
N ASP A 20 -14.49 8.14 0.29
CA ASP A 20 -13.91 6.83 0.61
C ASP A 20 -14.90 6.03 1.44
N LEU A 21 -14.51 4.81 1.79
CA LEU A 21 -15.37 3.95 2.60
C LEU A 21 -15.53 4.53 3.99
N LYS A 22 -14.53 5.30 4.44
CA LYS A 22 -14.57 5.90 5.76
C LYS A 22 -15.48 7.13 5.78
N GLY A 23 -16.19 7.36 4.69
CA GLY A 23 -17.11 8.48 4.61
C GLY A 23 -16.36 9.82 4.53
N VAL A 24 -15.05 9.75 4.36
CA VAL A 24 -14.23 10.96 4.27
C VAL A 24 -13.99 11.36 2.82
N SER A 25 -13.92 12.67 2.58
CA SER A 25 -13.71 13.17 1.22
C SER A 25 -12.45 14.01 1.11
N HIS A 26 -11.87 14.06 -0.09
CA HIS A 26 -10.65 14.83 -0.34
C HIS A 26 -10.76 15.62 -1.64
N PRO A 27 -10.12 16.76 -1.76
CA PRO A 27 -10.17 17.58 -3.01
C PRO A 27 -9.61 16.80 -4.20
N LEU A 28 -10.22 17.00 -5.37
CA LEU A 28 -9.79 16.32 -6.58
C LEU A 28 -8.40 16.80 -7.00
N ASN A 29 -7.51 15.85 -7.36
CA ASN A 29 -6.15 16.16 -7.80
C ASN A 29 -5.15 16.19 -6.64
N SER A 30 -5.66 16.19 -5.42
CA SER A 30 -4.80 16.24 -4.24
C SER A 30 -4.33 14.85 -3.86
N VAL A 31 -3.10 14.76 -3.36
CA VAL A 31 -2.54 13.47 -2.96
C VAL A 31 -2.24 13.43 -1.47
N TRP A 32 -3.08 12.72 -0.72
CA TRP A 32 -2.88 12.58 0.71
C TRP A 32 -2.29 11.21 0.99
N LYS A 33 -1.78 11.06 2.20
CA LYS A 33 -1.15 9.80 2.62
C LYS A 33 -1.99 9.16 3.73
N THR A 34 -2.31 7.89 3.54
CA THR A 34 -3.10 7.16 4.52
C THR A 34 -2.22 6.44 5.52
N LYS A 35 -2.85 5.93 6.57
CA LYS A 35 -2.14 5.23 7.62
C LYS A 35 -1.87 3.79 7.19
N ASP A 36 -1.89 3.57 5.88
CA ASP A 36 -1.66 2.22 5.31
C ASP A 36 -0.47 2.19 4.37
N CYS A 37 0.48 3.08 4.59
CA CYS A 37 1.67 3.12 3.75
C CYS A 37 1.26 3.13 2.27
N GLU A 38 0.67 4.23 1.86
CA GLU A 38 0.25 4.38 0.47
C GLU A 38 -0.05 5.84 0.13
N GLU A 39 -0.11 6.12 -1.18
CA GLU A 39 -0.45 7.46 -1.66
C GLU A 39 -1.75 7.38 -2.44
N CYS A 40 -2.71 8.22 -2.09
CA CYS A 40 -4.03 8.21 -2.76
C CYS A 40 -4.37 9.56 -3.33
N THR A 41 -4.93 9.55 -4.54
CA THR A 41 -5.35 10.79 -5.21
C THR A 41 -6.81 10.63 -5.64
N CYS A 42 -7.61 11.65 -5.40
CA CYS A 42 -9.02 11.61 -5.76
C CYS A 42 -9.20 11.89 -7.25
N GLY A 43 -10.08 11.09 -7.87
CA GLY A 43 -10.38 11.24 -9.30
C GLY A 43 -11.80 11.75 -9.46
N GLN A 44 -12.44 11.39 -10.57
CA GLN A 44 -13.81 11.81 -10.82
C GLN A 44 -14.78 10.80 -10.22
N ASP A 45 -14.65 9.55 -10.66
CA ASP A 45 -15.50 8.47 -10.18
C ASP A 45 -14.65 7.37 -9.59
N ALA A 46 -13.37 7.65 -9.31
CA ALA A 46 -12.49 6.64 -8.76
C ALA A 46 -11.27 7.28 -8.12
N ILE A 47 -10.73 6.59 -7.12
CA ILE A 47 -9.55 7.05 -6.40
C ILE A 47 -8.39 6.13 -6.75
N SER A 48 -7.20 6.69 -6.99
CA SER A 48 -6.04 5.88 -7.31
C SER A 48 -5.09 5.82 -6.13
N CYS A 49 -4.95 4.62 -5.56
CA CYS A 49 -4.07 4.41 -4.42
C CYS A 49 -2.92 3.50 -4.78
N CYS A 50 -1.79 3.69 -4.12
CA CYS A 50 -0.63 2.84 -4.37
C CYS A 50 0.32 2.78 -3.19
N ASN A 51 1.03 1.66 -3.10
CA ASN A 51 1.99 1.44 -2.02
C ASN A 51 3.33 2.08 -2.34
N THR A 52 3.84 2.85 -1.39
CA THR A 52 5.14 3.50 -1.57
C THR A 52 6.26 2.56 -1.14
N ALA A 53 5.91 1.43 -0.49
CA ALA A 53 6.93 0.48 -0.04
C ALA A 53 7.34 -0.50 -1.14
N ALA A 54 8.66 -0.67 -1.29
CA ALA A 54 9.23 -1.57 -2.31
C ALA A 54 8.93 -3.04 -1.98
N ILE A 55 8.87 -3.90 -3.01
CA ILE A 55 8.58 -5.32 -2.80
C ILE A 55 9.85 -6.19 -2.87
N PRO A 56 10.41 -6.62 -1.75
CA PRO A 56 11.65 -7.48 -1.76
C PRO A 56 11.36 -8.88 -2.29
N THR A 57 12.40 -9.56 -2.76
CA THR A 57 12.23 -10.91 -3.29
C THR A 57 13.53 -11.72 -3.14
N GLY A 58 13.54 -12.91 -3.72
CA GLY A 58 14.71 -13.77 -3.66
C GLY A 58 14.78 -14.57 -2.36
N TYR A 59 13.84 -14.31 -1.46
CA TYR A 59 13.82 -15.03 -0.19
C TYR A 59 13.25 -16.42 -0.39
N ASP A 60 13.23 -17.20 0.67
CA ASP A 60 12.72 -18.55 0.58
C ASP A 60 11.20 -18.55 0.53
N THR A 61 10.68 -18.56 -0.68
CA THR A 61 9.24 -18.53 -0.87
C THR A 61 8.59 -19.79 -0.31
N ASN A 62 9.41 -20.76 0.04
CA ASN A 62 8.90 -22.02 0.60
C ASN A 62 9.05 -22.04 2.12
N LYS A 63 9.74 -21.03 2.66
CA LYS A 63 9.94 -20.95 4.11
C LYS A 63 9.66 -19.53 4.65
N CYS A 64 10.00 -18.51 3.87
CA CYS A 64 9.80 -17.12 4.30
C CYS A 64 8.64 -16.48 3.56
N GLN A 65 8.26 -15.29 4.02
CA GLN A 65 7.14 -14.56 3.42
C GLN A 65 7.32 -13.05 3.55
N LYS A 66 6.60 -12.31 2.70
CA LYS A 66 6.66 -10.85 2.71
C LYS A 66 5.64 -10.27 3.69
N ILE A 67 6.14 -9.52 4.69
CA ILE A 67 5.31 -8.89 5.71
C ILE A 67 5.45 -7.37 5.63
N LEU A 68 4.44 -6.68 5.12
CA LEU A 68 4.49 -5.22 5.03
C LEU A 68 4.32 -4.59 6.41
N ASN A 69 5.16 -3.59 6.72
CA ASN A 69 5.10 -2.90 8.01
C ASN A 69 4.50 -1.52 7.86
N LYS A 70 3.51 -1.22 8.69
CA LYS A 70 2.85 0.08 8.66
C LYS A 70 3.62 1.07 9.53
N LYS A 71 4.50 0.56 10.35
CA LYS A 71 5.29 1.42 11.22
C LYS A 71 5.88 2.55 10.40
N THR A 72 6.81 2.19 9.53
CA THR A 72 7.51 3.19 8.69
C THR A 72 7.25 2.97 7.21
N CYS A 73 6.19 2.24 6.89
CA CYS A 73 5.84 2.01 5.49
C CYS A 73 7.03 1.43 4.73
N THR A 74 7.42 0.21 5.10
CA THR A 74 8.54 -0.49 4.47
C THR A 74 8.30 -1.99 4.51
N TYR A 75 8.82 -2.72 3.52
CA TYR A 75 8.64 -4.17 3.49
C TYR A 75 9.75 -4.89 4.25
N THR A 76 9.41 -6.08 4.76
CA THR A 76 10.36 -6.91 5.48
C THR A 76 10.01 -8.37 5.23
N VAL A 77 11.00 -9.26 5.35
CA VAL A 77 10.78 -10.68 5.12
C VAL A 77 11.25 -11.47 6.32
N VAL A 78 10.42 -12.40 6.81
CA VAL A 78 10.80 -13.24 7.95
C VAL A 78 10.36 -14.68 7.67
N GLU A 79 10.91 -15.60 8.46
CA GLU A 79 10.59 -17.02 8.29
C GLU A 79 9.16 -17.33 8.68
N LYS A 80 8.51 -18.18 7.89
CA LYS A 80 7.14 -18.59 8.19
C LYS A 80 7.12 -19.25 9.57
N LYS A 81 8.17 -20.03 9.85
CA LYS A 81 8.27 -20.72 11.14
C LYS A 81 8.53 -19.71 12.24
N ASP A 82 8.95 -18.51 11.87
CA ASP A 82 9.22 -17.46 12.84
C ASP A 82 9.01 -16.10 12.17
N PRO A 83 7.87 -15.46 12.35
CA PRO A 83 7.61 -14.14 11.70
C PRO A 83 8.38 -13.02 12.38
N GLY A 84 9.34 -13.40 13.23
CA GLY A 84 10.16 -12.43 13.95
C GLY A 84 11.66 -12.68 13.75
N LYS A 85 12.00 -13.66 12.90
CA LYS A 85 13.41 -13.96 12.66
C LYS A 85 13.96 -13.14 11.49
N THR A 86 14.52 -13.81 10.49
CA THR A 86 15.06 -13.12 9.30
C THR A 86 15.26 -14.10 8.14
N CYS A 87 15.13 -13.61 6.90
CA CYS A 87 15.35 -14.44 5.71
C CYS A 87 16.51 -13.88 4.88
N ASP A 88 16.33 -13.79 3.57
CA ASP A 88 17.37 -13.25 2.68
C ASP A 88 16.72 -12.60 1.46
N VAL A 89 17.15 -11.41 1.08
CA VAL A 89 16.59 -10.71 -0.07
C VAL A 89 17.71 -10.31 -1.03
N THR A 90 17.48 -10.49 -2.34
CA THR A 90 18.49 -10.14 -3.33
C THR A 90 18.18 -8.80 -4.00
N GLY A 91 17.00 -8.26 -3.75
CA GLY A 91 16.60 -6.99 -4.33
C GLY A 91 15.11 -6.72 -4.11
N TRP A 92 14.58 -5.69 -4.79
CA TRP A 92 13.16 -5.35 -4.67
C TRP A 92 12.64 -4.77 -5.98
N VAL A 93 11.32 -4.67 -6.07
CA VAL A 93 10.67 -4.13 -7.27
C VAL A 93 9.48 -3.26 -6.90
N LEU A 94 9.31 -2.16 -7.63
CA LEU A 94 8.21 -1.23 -7.38
C LEU A 94 7.74 -0.59 -8.69
N GLN A 4 1.70 -3.16 -7.07
CA GLN A 4 0.47 -3.74 -6.53
C GLN A 4 -0.51 -2.63 -6.17
N CYS A 5 -0.85 -1.78 -7.13
CA CYS A 5 -1.78 -0.68 -6.88
C CYS A 5 -3.21 -1.16 -7.03
N TYR A 6 -4.15 -0.34 -6.56
CA TYR A 6 -5.56 -0.70 -6.65
C TYR A 6 -6.46 0.53 -6.61
N PHE A 7 -7.39 0.58 -7.55
CA PHE A 7 -8.33 1.70 -7.67
C PHE A 7 -9.58 1.46 -6.82
N ILE A 8 -10.19 2.56 -6.38
CA ILE A 8 -11.42 2.50 -5.58
C ILE A 8 -12.53 3.30 -6.28
N PRO A 9 -13.73 2.78 -6.39
CA PRO A 9 -14.84 3.51 -7.05
C PRO A 9 -15.39 4.62 -6.17
N ASN A 10 -15.09 5.86 -6.52
CA ASN A 10 -15.56 7.01 -5.76
C ASN A 10 -16.99 6.81 -5.28
N GLN A 11 -17.18 6.85 -3.96
CA GLN A 11 -18.50 6.69 -3.37
C GLN A 11 -19.22 8.03 -3.35
N SER A 12 -18.49 9.11 -3.68
CA SER A 12 -19.09 10.44 -3.70
C SER A 12 -19.57 10.80 -5.09
N LEU A 13 -20.39 11.84 -5.14
CA LEU A 13 -20.93 12.34 -6.39
C LEU A 13 -20.30 13.70 -6.73
N LYS A 14 -19.22 14.06 -6.00
CA LYS A 14 -18.55 15.33 -6.23
C LYS A 14 -17.53 15.20 -7.37
N PRO A 15 -17.59 16.04 -8.40
CA PRO A 15 -16.63 15.97 -9.53
C PRO A 15 -15.25 16.55 -9.14
N ASN A 16 -15.19 17.17 -7.96
CA ASN A 16 -13.93 17.78 -7.47
C ASN A 16 -13.45 17.10 -6.19
N GLU A 17 -14.18 16.08 -5.73
CA GLU A 17 -13.80 15.36 -4.50
C GLU A 17 -14.22 13.89 -4.57
N CYS A 18 -13.42 13.04 -3.93
CA CYS A 18 -13.70 11.61 -3.88
C CYS A 18 -13.89 11.17 -2.43
N GLN A 19 -14.77 10.21 -2.21
CA GLN A 19 -15.01 9.69 -0.85
C GLN A 19 -14.44 8.28 -0.74
N ASP A 20 -13.76 8.01 0.37
CA ASP A 20 -13.17 6.71 0.61
C ASP A 20 -14.19 5.80 1.29
N LEU A 21 -13.77 4.62 1.67
CA LEU A 21 -14.66 3.68 2.33
C LEU A 21 -14.82 4.03 3.80
N LYS A 22 -14.06 5.03 4.24
CA LYS A 22 -14.12 5.47 5.62
C LYS A 22 -15.30 6.39 5.83
N GLY A 23 -15.51 7.30 4.86
CA GLY A 23 -16.61 8.26 4.93
C GLY A 23 -16.11 9.72 4.86
N VAL A 24 -14.84 9.91 4.48
CA VAL A 24 -14.26 11.27 4.38
C VAL A 24 -13.97 11.62 2.92
N SER A 25 -13.87 12.92 2.64
CA SER A 25 -13.60 13.40 1.27
C SER A 25 -12.24 14.08 1.17
N HIS A 26 -11.67 14.06 -0.04
CA HIS A 26 -10.36 14.68 -0.29
C HIS A 26 -10.40 15.50 -1.58
N PRO A 27 -9.63 16.58 -1.68
CA PRO A 27 -9.61 17.40 -2.92
C PRO A 27 -9.10 16.62 -4.13
N LEU A 28 -9.69 16.88 -5.29
CA LEU A 28 -9.31 16.22 -6.53
C LEU A 28 -7.89 16.63 -6.95
N ASN A 29 -7.06 15.64 -7.27
CA ASN A 29 -5.66 15.86 -7.71
C ASN A 29 -4.67 15.81 -6.56
N SER A 30 -5.18 15.75 -5.33
CA SER A 30 -4.31 15.71 -4.14
C SER A 30 -4.07 14.28 -3.71
N VAL A 31 -2.81 13.98 -3.40
CA VAL A 31 -2.44 12.63 -2.98
C VAL A 31 -2.02 12.62 -1.51
N TRP A 32 -2.89 12.07 -0.67
CA TRP A 32 -2.59 11.99 0.76
C TRP A 32 -2.05 10.61 1.08
N LYS A 33 -1.58 10.47 2.30
CA LYS A 33 -1.00 9.20 2.77
C LYS A 33 -1.90 8.62 3.84
N THR A 34 -2.31 7.37 3.65
CA THR A 34 -3.18 6.69 4.60
C THR A 34 -2.35 5.83 5.56
N LYS A 35 -3.03 5.33 6.59
CA LYS A 35 -2.38 4.48 7.58
C LYS A 35 -1.94 3.16 6.95
N ASP A 36 -2.00 3.11 5.62
CA ASP A 36 -1.62 1.90 4.87
C ASP A 36 -0.31 2.10 4.11
N CYS A 37 0.53 3.02 4.59
CA CYS A 37 1.82 3.26 3.95
C CYS A 37 1.66 3.45 2.46
N GLU A 38 0.41 3.62 2.02
CA GLU A 38 0.12 3.80 0.60
C GLU A 38 -0.25 5.26 0.32
N GLU A 39 -0.41 5.58 -0.96
CA GLU A 39 -0.79 6.93 -1.37
C GLU A 39 -2.03 6.88 -2.24
N CYS A 40 -3.03 7.69 -1.92
CA CYS A 40 -4.28 7.73 -2.66
C CYS A 40 -4.58 9.12 -3.20
N THR A 41 -4.92 9.19 -4.49
CA THR A 41 -5.27 10.46 -5.12
C THR A 41 -6.73 10.40 -5.59
N CYS A 42 -7.46 11.47 -5.34
CA CYS A 42 -8.87 11.52 -5.73
C CYS A 42 -9.01 11.82 -7.21
N GLY A 43 -9.85 11.04 -7.89
CA GLY A 43 -10.12 11.22 -9.30
C GLY A 43 -11.53 11.76 -9.49
N GLN A 44 -12.13 11.47 -10.63
CA GLN A 44 -13.49 11.91 -10.89
C GLN A 44 -14.49 10.93 -10.30
N ASP A 45 -14.43 9.69 -10.80
CA ASP A 45 -15.31 8.63 -10.34
C ASP A 45 -14.50 7.50 -9.72
N ALA A 46 -13.22 7.74 -9.44
CA ALA A 46 -12.37 6.71 -8.87
C ALA A 46 -11.13 7.31 -8.22
N ILE A 47 -10.61 6.60 -7.24
CA ILE A 47 -9.42 7.02 -6.51
C ILE A 47 -8.27 6.07 -6.87
N SER A 48 -7.08 6.61 -7.10
CA SER A 48 -5.93 5.77 -7.45
C SER A 48 -5.07 5.57 -6.22
N CYS A 49 -5.03 4.34 -5.72
CA CYS A 49 -4.23 4.04 -4.53
C CYS A 49 -3.08 3.12 -4.87
N CYS A 50 -1.95 3.33 -4.21
CA CYS A 50 -0.78 2.46 -4.45
C CYS A 50 0.21 2.49 -3.30
N ASN A 51 0.98 1.41 -3.21
CA ASN A 51 2.00 1.25 -2.17
C ASN A 51 3.29 1.95 -2.56
N THR A 52 3.83 2.71 -1.62
CA THR A 52 5.09 3.41 -1.83
C THR A 52 6.23 2.59 -1.25
N ALA A 53 5.87 1.52 -0.56
CA ALA A 53 6.87 0.65 0.06
C ALA A 53 7.50 -0.28 -0.97
N ALA A 54 8.83 -0.36 -0.93
CA ALA A 54 9.59 -1.19 -1.86
C ALA A 54 9.21 -2.66 -1.72
N ILE A 55 9.15 -3.38 -2.85
CA ILE A 55 8.76 -4.79 -2.83
C ILE A 55 9.98 -5.73 -2.87
N PRO A 56 10.44 -6.26 -1.74
CA PRO A 56 11.62 -7.21 -1.72
C PRO A 56 11.29 -8.54 -2.36
N THR A 57 12.30 -9.21 -2.93
CA THR A 57 12.10 -10.51 -3.57
C THR A 57 13.35 -11.38 -3.46
N GLY A 58 13.28 -12.56 -4.06
CA GLY A 58 14.42 -13.47 -4.05
C GLY A 58 14.49 -14.26 -2.73
N TYR A 59 13.52 -14.04 -1.84
CA TYR A 59 13.50 -14.74 -0.57
C TYR A 59 12.97 -16.15 -0.78
N ASP A 60 12.87 -16.93 0.29
CA ASP A 60 12.40 -18.29 0.18
C ASP A 60 10.87 -18.33 0.16
N THR A 61 10.32 -18.32 -1.03
CA THR A 61 8.87 -18.32 -1.19
C THR A 61 8.24 -19.52 -0.48
N ASN A 62 9.07 -20.48 -0.08
CA ASN A 62 8.58 -21.67 0.61
C ASN A 62 8.87 -21.59 2.10
N LYS A 63 9.78 -20.70 2.50
CA LYS A 63 10.16 -20.56 3.91
C LYS A 63 10.17 -19.09 4.32
N CYS A 64 9.53 -18.25 3.50
CA CYS A 64 9.48 -16.82 3.79
C CYS A 64 8.25 -16.15 3.16
N GLN A 65 7.85 -15.02 3.74
CA GLN A 65 6.68 -14.29 3.25
C GLN A 65 6.90 -12.79 3.30
N LYS A 66 6.16 -12.06 2.45
CA LYS A 66 6.28 -10.61 2.40
C LYS A 66 5.30 -9.97 3.40
N ILE A 67 5.85 -9.16 4.31
CA ILE A 67 5.02 -8.47 5.32
C ILE A 67 5.23 -6.98 5.17
N LEU A 68 4.27 -6.19 5.64
CA LEU A 68 4.35 -4.72 5.56
C LEU A 68 4.27 -4.11 6.95
N ASN A 69 5.18 -3.18 7.24
CA ASN A 69 5.21 -2.51 8.53
C ASN A 69 4.43 -1.20 8.42
N LYS A 70 3.33 -1.10 9.15
CA LYS A 70 2.51 0.09 9.08
C LYS A 70 3.00 1.14 10.07
N LYS A 71 4.00 0.76 10.85
CA LYS A 71 4.55 1.67 11.82
C LYS A 71 5.39 2.70 11.10
N THR A 72 6.41 2.22 10.38
CA THR A 72 7.33 3.11 9.66
C THR A 72 7.06 3.09 8.17
N CYS A 73 6.02 2.37 7.75
CA CYS A 73 5.66 2.31 6.36
C CYS A 73 6.83 1.82 5.50
N THR A 74 7.21 0.56 5.73
CA THR A 74 8.30 -0.08 4.99
C THR A 74 8.04 -1.59 4.89
N TYR A 75 8.58 -2.22 3.84
CA TYR A 75 8.40 -3.66 3.65
C TYR A 75 9.50 -4.43 4.40
N THR A 76 9.22 -5.70 4.63
CA THR A 76 10.16 -6.58 5.28
C THR A 76 9.79 -8.02 4.98
N VAL A 77 10.74 -8.92 5.07
CA VAL A 77 10.49 -10.34 4.82
C VAL A 77 11.01 -11.16 5.98
N VAL A 78 10.19 -12.08 6.48
CA VAL A 78 10.58 -12.92 7.59
C VAL A 78 10.19 -14.37 7.31
N GLU A 79 10.84 -15.29 8.00
CA GLU A 79 10.55 -16.69 7.79
C GLU A 79 9.11 -16.98 8.18
N LYS A 80 8.40 -17.70 7.33
CA LYS A 80 7.01 -18.05 7.62
C LYS A 80 6.94 -18.76 8.98
N LYS A 81 7.97 -19.55 9.25
CA LYS A 81 8.05 -20.30 10.51
C LYS A 81 8.55 -19.41 11.64
N ASP A 82 9.21 -18.31 11.27
CA ASP A 82 9.75 -17.36 12.25
C ASP A 82 9.29 -15.94 11.88
N PRO A 83 8.29 -15.40 12.54
CA PRO A 83 7.79 -14.03 12.23
C PRO A 83 8.68 -12.96 12.89
N GLY A 84 9.70 -13.41 13.61
CA GLY A 84 10.63 -12.51 14.31
C GLY A 84 12.04 -12.56 13.72
N LYS A 85 12.22 -13.27 12.60
CA LYS A 85 13.54 -13.39 11.96
C LYS A 85 13.46 -13.03 10.48
N THR A 86 14.52 -12.40 9.98
CA THR A 86 14.59 -11.99 8.59
C THR A 86 14.97 -13.16 7.69
N CYS A 87 14.75 -12.98 6.38
CA CYS A 87 15.09 -14.01 5.39
C CYS A 87 16.26 -13.53 4.54
N ASP A 88 16.04 -13.45 3.24
CA ASP A 88 17.07 -13.01 2.31
C ASP A 88 16.42 -12.31 1.12
N VAL A 89 16.93 -11.14 0.72
CA VAL A 89 16.36 -10.41 -0.40
C VAL A 89 17.44 -10.16 -1.43
N THR A 90 17.13 -10.40 -2.70
CA THR A 90 18.10 -10.19 -3.76
C THR A 90 18.00 -8.80 -4.36
N GLY A 91 16.89 -8.11 -4.08
CA GLY A 91 16.71 -6.76 -4.60
C GLY A 91 15.25 -6.42 -4.79
N TRP A 92 14.84 -5.34 -4.14
CA TRP A 92 13.46 -4.90 -4.21
C TRP A 92 13.19 -4.20 -5.53
N VAL A 93 11.91 -3.91 -5.75
CA VAL A 93 11.47 -3.25 -6.97
C VAL A 93 10.37 -2.23 -6.66
N LEU A 94 10.45 -1.07 -7.30
CA LEU A 94 9.46 -0.01 -7.12
C LEU A 94 9.37 0.84 -8.38
N GLN A 4 0.63 -3.40 -8.72
CA GLN A 4 0.46 -3.58 -7.28
C GLN A 4 -0.50 -2.54 -6.71
N CYS A 5 -1.10 -1.75 -7.60
CA CYS A 5 -2.05 -0.72 -7.16
C CYS A 5 -3.48 -1.16 -7.41
N TYR A 6 -4.45 -0.32 -7.03
CA TYR A 6 -5.86 -0.66 -7.25
C TYR A 6 -6.76 0.56 -7.18
N PHE A 7 -7.70 0.62 -8.12
CA PHE A 7 -8.65 1.71 -8.19
C PHE A 7 -9.82 1.48 -7.24
N ILE A 8 -10.46 2.58 -6.83
CA ILE A 8 -11.61 2.52 -5.94
C ILE A 8 -12.67 3.49 -6.43
N PRO A 9 -13.92 3.11 -6.50
CA PRO A 9 -15.01 4.03 -6.97
C PRO A 9 -15.37 5.04 -5.88
N ASN A 10 -15.08 6.30 -6.15
CA ASN A 10 -15.36 7.37 -5.21
C ASN A 10 -16.79 7.24 -4.66
N GLN A 11 -16.94 7.43 -3.36
CA GLN A 11 -18.25 7.33 -2.73
C GLN A 11 -18.79 8.72 -2.41
N SER A 12 -18.20 9.74 -3.04
CA SER A 12 -18.61 11.13 -2.80
C SER A 12 -19.49 11.67 -3.92
N LEU A 13 -20.19 12.75 -3.60
CA LEU A 13 -21.08 13.43 -4.55
C LEU A 13 -20.61 14.87 -4.74
N LYS A 14 -19.36 15.15 -4.36
CA LYS A 14 -18.82 16.51 -4.48
C LYS A 14 -18.35 16.79 -5.92
N PRO A 15 -18.31 18.04 -6.34
CA PRO A 15 -17.86 18.42 -7.72
C PRO A 15 -16.48 17.85 -8.12
N ASN A 16 -15.43 18.29 -7.43
CA ASN A 16 -14.06 17.85 -7.74
C ASN A 16 -13.36 17.31 -6.50
N GLU A 17 -14.02 16.36 -5.84
CA GLU A 17 -13.49 15.73 -4.63
C GLU A 17 -13.96 14.28 -4.53
N CYS A 18 -13.11 13.47 -3.93
CA CYS A 18 -13.43 12.05 -3.71
C CYS A 18 -13.44 11.77 -2.22
N GLN A 19 -14.35 10.92 -1.79
CA GLN A 19 -14.43 10.54 -0.37
C GLN A 19 -13.77 9.18 -0.20
N ASP A 20 -13.06 9.02 0.90
CA ASP A 20 -12.37 7.77 1.19
C ASP A 20 -13.32 6.78 1.87
N LEU A 21 -12.82 5.58 2.15
CA LEU A 21 -13.64 4.58 2.82
C LEU A 21 -14.04 5.05 4.21
N LYS A 22 -13.17 5.79 4.87
CA LYS A 22 -13.46 6.26 6.21
C LYS A 22 -14.49 7.37 6.18
N GLY A 23 -14.34 8.32 5.25
CA GLY A 23 -15.27 9.43 5.13
C GLY A 23 -14.54 10.76 4.93
N VAL A 24 -13.25 10.70 4.62
CA VAL A 24 -12.44 11.92 4.42
C VAL A 24 -12.36 12.28 2.94
N SER A 25 -12.50 13.58 2.63
CA SER A 25 -12.45 14.05 1.24
C SER A 25 -11.13 14.77 0.94
N HIS A 26 -10.73 14.73 -0.33
CA HIS A 26 -9.49 15.38 -0.77
C HIS A 26 -9.71 16.10 -2.12
N PRO A 27 -9.03 17.20 -2.37
CA PRO A 27 -9.18 17.93 -3.66
C PRO A 27 -8.73 17.08 -4.85
N LEU A 28 -9.49 17.15 -5.95
CA LEU A 28 -9.16 16.40 -7.14
C LEU A 28 -7.76 16.76 -7.61
N ASN A 29 -6.87 15.76 -7.69
CA ASN A 29 -5.47 15.91 -8.16
C ASN A 29 -4.47 15.85 -7.00
N SER A 30 -4.97 15.66 -5.77
CA SER A 30 -4.09 15.61 -4.59
C SER A 30 -3.90 14.17 -4.13
N VAL A 31 -2.68 13.85 -3.70
CA VAL A 31 -2.36 12.50 -3.23
C VAL A 31 -1.98 12.51 -1.75
N TRP A 32 -2.79 11.83 -0.95
CA TRP A 32 -2.54 11.74 0.49
C TRP A 32 -2.12 10.34 0.86
N LYS A 33 -1.80 10.15 2.13
CA LYS A 33 -1.36 8.84 2.62
C LYS A 33 -2.24 8.43 3.80
N THR A 34 -2.64 7.16 3.82
CA THR A 34 -3.49 6.64 4.89
C THR A 34 -2.66 5.86 5.90
N LYS A 35 -3.31 5.46 6.98
CA LYS A 35 -2.64 4.72 8.04
C LYS A 35 -2.47 3.26 7.62
N ASP A 36 -2.88 2.96 6.38
CA ASP A 36 -2.78 1.60 5.85
C ASP A 36 -1.64 1.50 4.85
N CYS A 37 -0.54 2.19 5.14
CA CYS A 37 0.64 2.17 4.27
C CYS A 37 0.21 2.18 2.80
N GLU A 38 -0.33 3.30 2.36
CA GLU A 38 -0.77 3.45 0.98
C GLU A 38 -0.96 4.91 0.61
N GLU A 39 -0.95 5.20 -0.69
CA GLU A 39 -1.15 6.56 -1.20
C GLU A 39 -2.35 6.56 -2.14
N CYS A 40 -3.25 7.53 -1.97
CA CYS A 40 -4.46 7.60 -2.80
C CYS A 40 -4.65 9.00 -3.40
N THR A 41 -5.03 9.02 -4.67
CA THR A 41 -5.29 10.29 -5.37
C THR A 41 -6.75 10.34 -5.83
N CYS A 42 -7.41 11.45 -5.57
CA CYS A 42 -8.81 11.63 -5.94
C CYS A 42 -8.96 11.98 -7.40
N GLY A 43 -9.90 11.30 -8.06
CA GLY A 43 -10.19 11.53 -9.47
C GLY A 43 -11.61 12.11 -9.58
N GLN A 44 -12.36 11.65 -10.56
CA GLN A 44 -13.73 12.12 -10.74
C GLN A 44 -14.69 11.22 -9.97
N ASP A 45 -14.81 9.98 -10.43
CA ASP A 45 -15.69 9.00 -9.80
C ASP A 45 -14.85 7.84 -9.26
N ALA A 46 -13.54 8.03 -9.21
CA ALA A 46 -12.64 6.98 -8.75
C ALA A 46 -11.41 7.57 -8.10
N ILE A 47 -10.77 6.77 -7.25
CA ILE A 47 -9.56 7.17 -6.55
C ILE A 47 -8.45 6.18 -6.87
N SER A 48 -7.30 6.67 -7.27
CA SER A 48 -6.17 5.79 -7.59
C SER A 48 -5.35 5.52 -6.34
N CYS A 49 -5.47 4.29 -5.80
CA CYS A 49 -4.72 3.92 -4.60
C CYS A 49 -3.61 2.93 -4.92
N CYS A 50 -2.51 3.07 -4.19
CA CYS A 50 -1.38 2.17 -4.39
C CYS A 50 -0.57 1.97 -3.11
N ASN A 51 0.04 0.80 -2.99
CA ASN A 51 0.84 0.49 -1.82
C ASN A 51 2.07 1.40 -1.77
N THR A 52 2.40 1.85 -0.57
CA THR A 52 3.56 2.72 -0.38
C THR A 52 4.74 1.89 0.08
N ALA A 53 4.51 0.58 0.23
CA ALA A 53 5.56 -0.34 0.69
C ALA A 53 6.17 -1.09 -0.49
N ALA A 54 7.48 -0.94 -0.64
CA ALA A 54 8.21 -1.60 -1.72
C ALA A 54 8.11 -3.12 -1.60
N ILE A 55 8.15 -3.82 -2.73
CA ILE A 55 8.05 -5.29 -2.72
C ILE A 55 9.45 -5.93 -2.77
N PRO A 56 10.03 -6.35 -1.65
CA PRO A 56 11.38 -6.99 -1.65
C PRO A 56 11.38 -8.33 -2.38
N THR A 57 12.57 -8.79 -2.76
CA THR A 57 12.69 -10.07 -3.46
C THR A 57 14.09 -10.66 -3.29
N GLY A 58 14.34 -11.77 -3.98
CA GLY A 58 15.64 -12.43 -3.91
C GLY A 58 15.78 -13.30 -2.66
N TYR A 59 14.83 -13.17 -1.73
CA TYR A 59 14.89 -13.95 -0.50
C TYR A 59 14.44 -15.39 -0.72
N ASP A 60 14.55 -16.19 0.33
CA ASP A 60 14.17 -17.58 0.24
C ASP A 60 12.67 -17.70 0.06
N THR A 61 12.24 -17.79 -1.18
CA THR A 61 10.83 -17.88 -1.49
C THR A 61 10.25 -19.23 -1.07
N ASN A 62 11.12 -20.20 -0.86
CA ASN A 62 10.69 -21.54 -0.46
C ASN A 62 10.88 -21.72 1.05
N LYS A 63 11.46 -20.70 1.69
CA LYS A 63 11.70 -20.76 3.13
C LYS A 63 11.20 -19.49 3.84
N CYS A 64 11.46 -18.32 3.25
CA CYS A 64 11.05 -17.05 3.86
C CYS A 64 9.81 -16.49 3.20
N GLN A 65 9.35 -15.34 3.71
CA GLN A 65 8.15 -14.71 3.17
C GLN A 65 8.14 -13.21 3.42
N LYS A 66 7.35 -12.51 2.60
CA LYS A 66 7.21 -11.06 2.70
C LYS A 66 6.03 -10.69 3.61
N ILE A 67 6.32 -9.94 4.67
CA ILE A 67 5.30 -9.50 5.63
C ILE A 67 5.32 -7.98 5.77
N LEU A 68 4.21 -7.34 5.43
CA LEU A 68 4.12 -5.89 5.53
C LEU A 68 4.09 -5.47 7.00
N ASN A 69 4.80 -4.36 7.31
CA ASN A 69 4.84 -3.85 8.68
C ASN A 69 4.00 -2.58 8.73
N LYS A 70 2.98 -2.59 9.59
CA LYS A 70 2.10 -1.43 9.69
C LYS A 70 2.67 -0.43 10.69
N LYS A 71 3.74 -0.85 11.37
CA LYS A 71 4.38 0.04 12.33
C LYS A 71 4.87 1.29 11.60
N THR A 72 5.79 1.09 10.66
CA THR A 72 6.38 2.20 9.91
C THR A 72 6.00 2.17 8.44
N CYS A 73 5.01 1.35 8.09
CA CYS A 73 4.57 1.27 6.70
C CYS A 73 5.75 0.91 5.78
N THR A 74 6.25 -0.31 5.94
CA THR A 74 7.37 -0.80 5.13
C THR A 74 7.35 -2.32 5.08
N TYR A 75 7.93 -2.90 4.03
CA TYR A 75 7.98 -4.35 3.90
C TYR A 75 9.26 -4.92 4.51
N THR A 76 9.13 -6.11 5.09
CA THR A 76 10.25 -6.81 5.71
C THR A 76 10.20 -8.27 5.29
N VAL A 77 11.31 -8.99 5.44
CA VAL A 77 11.34 -10.40 5.09
C VAL A 77 11.89 -11.21 6.25
N VAL A 78 11.21 -12.28 6.60
CA VAL A 78 11.63 -13.14 7.69
C VAL A 78 11.23 -14.58 7.40
N GLU A 79 11.87 -15.49 8.11
CA GLU A 79 11.59 -16.90 7.92
C GLU A 79 10.11 -17.20 8.09
N LYS A 80 9.60 -18.08 7.26
CA LYS A 80 8.19 -18.46 7.31
C LYS A 80 7.83 -19.00 8.68
N LYS A 81 8.72 -19.79 9.25
CA LYS A 81 8.46 -20.32 10.58
C LYS A 81 8.50 -19.14 11.57
N ASP A 82 9.64 -18.46 11.61
CA ASP A 82 9.84 -17.36 12.55
C ASP A 82 9.54 -16.02 11.87
N PRO A 83 8.45 -15.37 12.22
CA PRO A 83 8.08 -14.07 11.60
C PRO A 83 8.88 -12.91 12.20
N GLY A 84 9.86 -13.24 13.04
CA GLY A 84 10.68 -12.20 13.70
C GLY A 84 12.18 -12.44 13.49
N LYS A 85 12.55 -13.42 12.68
CA LYS A 85 13.96 -13.71 12.44
C LYS A 85 14.54 -12.73 11.41
N THR A 86 15.20 -13.27 10.38
CA THR A 86 15.77 -12.45 9.31
C THR A 86 16.08 -13.33 8.09
N CYS A 87 15.89 -12.77 6.90
CA CYS A 87 16.19 -13.50 5.66
C CYS A 87 17.27 -12.74 4.86
N ASP A 88 17.05 -12.57 3.56
CA ASP A 88 18.01 -11.86 2.72
C ASP A 88 17.32 -11.30 1.49
N VAL A 89 17.53 -10.02 1.17
CA VAL A 89 16.91 -9.42 -0.02
C VAL A 89 17.98 -8.75 -0.87
N THR A 90 17.77 -8.76 -2.18
CA THR A 90 18.73 -8.16 -3.11
C THR A 90 18.17 -6.89 -3.75
N GLY A 91 16.91 -6.58 -3.45
CA GLY A 91 16.28 -5.39 -4.02
C GLY A 91 14.77 -5.44 -3.83
N TRP A 92 14.05 -4.53 -4.49
CA TRP A 92 12.59 -4.50 -4.40
C TRP A 92 11.98 -4.01 -5.71
N VAL A 93 10.66 -4.12 -5.78
CA VAL A 93 9.91 -3.70 -6.97
C VAL A 93 8.68 -2.90 -6.57
N LEU A 94 8.41 -1.83 -7.31
CA LEU A 94 7.24 -1.00 -7.03
C LEU A 94 6.88 -0.18 -8.27
N GLN A 4 1.01 -3.15 -8.09
CA GLN A 4 0.95 -3.46 -6.65
C GLN A 4 0.05 -2.47 -5.93
N CYS A 5 -0.53 -1.54 -6.68
CA CYS A 5 -1.41 -0.53 -6.11
C CYS A 5 -2.86 -1.03 -6.11
N TYR A 6 -3.76 -0.23 -5.53
CA TYR A 6 -5.17 -0.61 -5.47
C TYR A 6 -6.08 0.61 -5.64
N PHE A 7 -7.10 0.45 -6.48
CA PHE A 7 -8.05 1.52 -6.76
C PHE A 7 -9.37 1.30 -6.04
N ILE A 8 -10.04 2.41 -5.69
CA ILE A 8 -11.33 2.35 -5.01
C ILE A 8 -12.40 3.04 -5.88
N PRO A 9 -13.56 2.46 -6.06
CA PRO A 9 -14.63 3.09 -6.88
C PRO A 9 -15.25 4.26 -6.14
N ASN A 10 -15.03 5.46 -6.63
CA ASN A 10 -15.57 6.65 -6.00
C ASN A 10 -17.05 6.47 -5.70
N GLN A 11 -17.41 6.52 -4.42
CA GLN A 11 -18.79 6.39 -4.00
C GLN A 11 -19.50 7.73 -4.15
N SER A 12 -18.74 8.77 -4.48
CA SER A 12 -19.30 10.10 -4.64
C SER A 12 -19.83 10.32 -6.05
N LEU A 13 -20.55 11.41 -6.24
CA LEU A 13 -21.12 11.75 -7.54
C LEU A 13 -20.56 13.10 -8.01
N LYS A 14 -19.46 13.52 -7.39
CA LYS A 14 -18.84 14.81 -7.72
C LYS A 14 -17.64 14.60 -8.67
N PRO A 15 -17.57 15.29 -9.80
CA PRO A 15 -16.43 15.15 -10.74
C PRO A 15 -15.17 15.88 -10.24
N ASN A 16 -15.33 16.68 -9.17
CA ASN A 16 -14.20 17.44 -8.61
C ASN A 16 -13.80 16.92 -7.23
N GLU A 17 -14.45 15.86 -6.77
CA GLU A 17 -14.14 15.28 -5.46
C GLU A 17 -14.39 13.77 -5.47
N CYS A 18 -13.79 13.07 -4.51
CA CYS A 18 -13.96 11.62 -4.38
C CYS A 18 -14.33 11.28 -2.94
N GLN A 19 -15.27 10.35 -2.77
CA GLN A 19 -15.68 9.93 -1.43
C GLN A 19 -15.16 8.52 -1.16
N ASP A 20 -14.47 8.36 -0.03
CA ASP A 20 -13.93 7.05 0.34
C ASP A 20 -14.98 6.25 1.09
N LEU A 21 -14.66 4.99 1.42
CA LEU A 21 -15.58 4.14 2.16
C LEU A 21 -15.65 4.57 3.62
N LYS A 22 -14.77 5.47 4.02
CA LYS A 22 -14.74 5.93 5.39
C LYS A 22 -15.86 6.95 5.59
N GLY A 23 -15.96 7.87 4.64
CA GLY A 23 -17.01 8.90 4.67
C GLY A 23 -16.43 10.31 4.54
N VAL A 24 -15.19 10.41 4.07
CA VAL A 24 -14.53 11.71 3.89
C VAL A 24 -14.36 12.01 2.40
N SER A 25 -14.22 13.30 2.09
CA SER A 25 -14.06 13.75 0.71
C SER A 25 -12.67 14.34 0.46
N HIS A 26 -12.23 14.31 -0.79
CA HIS A 26 -10.92 14.86 -1.16
C HIS A 26 -11.00 15.54 -2.54
N PRO A 27 -10.38 16.68 -2.74
CA PRO A 27 -10.42 17.38 -4.06
C PRO A 27 -9.69 16.59 -5.15
N LEU A 28 -10.20 16.68 -6.37
CA LEU A 28 -9.61 15.99 -7.51
C LEU A 28 -8.20 16.52 -7.77
N ASN A 29 -7.32 15.63 -8.26
CA ASN A 29 -5.92 15.96 -8.57
C ASN A 29 -5.07 16.08 -7.31
N SER A 30 -5.71 16.21 -6.15
CA SER A 30 -4.97 16.38 -4.91
C SER A 30 -4.48 15.04 -4.42
N VAL A 31 -3.38 15.08 -3.66
CA VAL A 31 -2.77 13.86 -3.14
C VAL A 31 -2.63 13.93 -1.63
N TRP A 32 -2.88 12.80 -0.99
CA TRP A 32 -2.75 12.69 0.45
C TRP A 32 -2.29 11.29 0.82
N LYS A 33 -1.79 11.16 2.04
CA LYS A 33 -1.29 9.88 2.55
C LYS A 33 -1.96 9.57 3.88
N THR A 34 -2.29 8.31 4.10
CA THR A 34 -2.95 7.90 5.35
C THR A 34 -1.94 7.25 6.30
N LYS A 35 -2.47 6.63 7.34
CA LYS A 35 -1.64 5.95 8.32
C LYS A 35 -1.06 4.65 7.76
N ASP A 36 -1.50 4.28 6.56
CA ASP A 36 -1.01 3.04 5.92
C ASP A 36 0.18 3.31 5.01
N CYS A 37 0.92 4.36 5.31
CA CYS A 37 2.11 4.70 4.55
C CYS A 37 1.84 4.70 3.06
N GLU A 38 0.57 4.67 2.69
CA GLU A 38 0.17 4.67 1.29
C GLU A 38 -0.10 6.10 0.82
N GLU A 39 -0.34 6.25 -0.47
CA GLU A 39 -0.64 7.56 -1.06
C GLU A 39 -1.86 7.42 -1.96
N CYS A 40 -2.80 8.36 -1.83
CA CYS A 40 -4.03 8.31 -2.60
C CYS A 40 -4.32 9.63 -3.31
N THR A 41 -4.87 9.52 -4.50
CA THR A 41 -5.25 10.69 -5.30
C THR A 41 -6.68 10.53 -5.75
N CYS A 42 -7.45 11.59 -5.60
CA CYS A 42 -8.85 11.55 -6.00
C CYS A 42 -8.98 11.75 -7.50
N GLY A 43 -9.75 10.87 -8.13
CA GLY A 43 -9.98 10.94 -9.56
C GLY A 43 -11.38 11.48 -9.82
N GLN A 44 -11.91 11.17 -10.98
CA GLN A 44 -13.26 11.62 -11.32
C GLN A 44 -14.29 10.71 -10.66
N ASP A 45 -14.25 9.45 -11.06
CA ASP A 45 -15.17 8.45 -10.53
C ASP A 45 -14.41 7.32 -9.83
N ALA A 46 -13.12 7.55 -9.53
CA ALA A 46 -12.33 6.53 -8.88
C ALA A 46 -11.09 7.13 -8.22
N ILE A 47 -10.66 6.50 -7.13
CA ILE A 47 -9.47 6.94 -6.39
C ILE A 47 -8.34 5.95 -6.65
N SER A 48 -7.10 6.44 -6.71
CA SER A 48 -5.95 5.56 -6.94
C SER A 48 -5.04 5.58 -5.73
N CYS A 49 -5.02 4.46 -5.02
CA CYS A 49 -4.19 4.34 -3.83
C CYS A 49 -3.06 3.36 -4.06
N CYS A 50 -1.87 3.72 -3.61
CA CYS A 50 -0.70 2.84 -3.77
C CYS A 50 0.18 2.86 -2.53
N ASN A 51 0.82 1.73 -2.29
CA ASN A 51 1.70 1.59 -1.13
C ASN A 51 3.10 2.12 -1.45
N THR A 52 3.64 2.91 -0.55
CA THR A 52 4.98 3.44 -0.74
C THR A 52 6.01 2.44 -0.24
N ALA A 53 5.54 1.25 0.11
CA ALA A 53 6.42 0.21 0.64
C ALA A 53 6.99 -0.67 -0.49
N ALA A 54 8.32 -0.72 -0.55
CA ALA A 54 9.00 -1.52 -1.57
C ALA A 54 8.71 -3.01 -1.39
N ILE A 55 8.68 -3.74 -2.50
CA ILE A 55 8.41 -5.18 -2.48
C ILE A 55 9.69 -6.00 -2.72
N PRO A 56 10.30 -6.61 -1.70
CA PRO A 56 11.54 -7.43 -1.89
C PRO A 56 11.31 -8.65 -2.77
N THR A 57 12.41 -9.23 -3.26
CA THR A 57 12.32 -10.40 -4.12
C THR A 57 13.63 -11.20 -4.12
N GLY A 58 13.64 -12.27 -4.90
CA GLY A 58 14.84 -13.11 -5.02
C GLY A 58 14.98 -14.06 -3.85
N TYR A 59 14.19 -13.85 -2.80
CA TYR A 59 14.26 -14.69 -1.64
C TYR A 59 13.58 -16.03 -1.93
N ASP A 60 13.45 -16.86 -0.91
CA ASP A 60 12.82 -18.17 -1.10
C ASP A 60 11.30 -18.00 -1.10
N THR A 61 10.76 -17.87 -2.29
CA THR A 61 9.32 -17.68 -2.47
C THR A 61 8.56 -18.95 -2.20
N ASN A 62 9.28 -20.01 -1.91
CA ASN A 62 8.67 -21.31 -1.63
C ASN A 62 8.84 -21.66 -0.16
N LYS A 63 9.54 -20.79 0.59
CA LYS A 63 9.78 -21.04 2.01
C LYS A 63 9.41 -19.82 2.86
N CYS A 64 9.78 -18.61 2.40
CA CYS A 64 9.49 -17.39 3.17
C CYS A 64 8.30 -16.66 2.60
N GLN A 65 7.98 -15.54 3.22
CA GLN A 65 6.86 -14.73 2.78
C GLN A 65 7.10 -13.25 3.06
N LYS A 66 6.47 -12.40 2.24
CA LYS A 66 6.59 -10.96 2.38
C LYS A 66 5.53 -10.41 3.34
N ILE A 67 6.00 -9.74 4.40
CA ILE A 67 5.10 -9.15 5.40
C ILE A 67 5.47 -7.69 5.62
N LEU A 68 4.50 -6.80 5.47
CA LEU A 68 4.73 -5.37 5.66
C LEU A 68 4.81 -5.05 7.15
N ASN A 69 5.74 -4.18 7.52
CA ASN A 69 5.89 -3.77 8.91
C ASN A 69 5.33 -2.37 9.08
N LYS A 70 4.41 -2.23 10.03
CA LYS A 70 3.79 -0.94 10.26
C LYS A 70 4.63 -0.13 11.23
N LYS A 71 5.62 -0.79 11.83
CA LYS A 71 6.47 -0.09 12.76
C LYS A 71 7.10 1.11 12.07
N THR A 72 7.98 0.83 11.11
CA THR A 72 8.69 1.88 10.39
C THR A 72 8.28 1.93 8.93
N CYS A 73 7.14 1.34 8.61
CA CYS A 73 6.66 1.33 7.24
C CYS A 73 7.74 0.80 6.29
N THR A 74 8.01 -0.49 6.40
CA THR A 74 9.01 -1.13 5.55
C THR A 74 8.66 -2.61 5.38
N TYR A 75 9.08 -3.21 4.26
CA TYR A 75 8.80 -4.62 4.02
C TYR A 75 9.92 -5.50 4.58
N THR A 76 9.54 -6.70 4.99
CA THR A 76 10.48 -7.67 5.54
C THR A 76 10.05 -9.06 5.10
N VAL A 77 10.99 -10.00 5.10
CA VAL A 77 10.69 -11.38 4.69
C VAL A 77 11.16 -12.34 5.78
N VAL A 78 10.30 -13.29 6.14
CA VAL A 78 10.67 -14.27 7.16
C VAL A 78 10.22 -15.65 6.75
N GLU A 79 10.91 -16.67 7.26
CA GLU A 79 10.57 -18.05 6.93
C GLU A 79 9.15 -18.38 7.38
N LYS A 80 8.40 -19.06 6.50
CA LYS A 80 7.05 -19.47 6.83
C LYS A 80 7.08 -20.39 8.06
N LYS A 81 8.09 -21.26 8.07
CA LYS A 81 8.30 -22.19 9.19
C LYS A 81 8.76 -21.44 10.43
N ASP A 82 9.47 -20.35 10.20
CA ASP A 82 9.99 -19.51 11.29
C ASP A 82 9.59 -18.04 11.07
N PRO A 83 8.50 -17.59 11.64
CA PRO A 83 8.06 -16.17 11.47
C PRO A 83 8.88 -15.23 12.35
N GLY A 84 9.89 -15.78 13.01
CA GLY A 84 10.77 -15.00 13.88
C GLY A 84 12.18 -14.86 13.30
N LYS A 85 12.39 -15.36 12.07
CA LYS A 85 13.70 -15.28 11.43
C LYS A 85 13.59 -14.77 10.00
N THR A 86 14.62 -14.06 9.56
CA THR A 86 14.65 -13.49 8.22
C THR A 86 15.25 -14.47 7.20
N CYS A 87 15.03 -14.17 5.92
CA CYS A 87 15.55 -15.00 4.82
C CYS A 87 16.68 -14.28 4.09
N ASP A 88 16.45 -13.93 2.85
CA ASP A 88 17.46 -13.24 2.04
C ASP A 88 16.82 -12.58 0.84
N VAL A 89 17.19 -11.33 0.56
CA VAL A 89 16.64 -10.61 -0.59
C VAL A 89 17.77 -10.02 -1.41
N THR A 90 17.55 -9.90 -2.72
CA THR A 90 18.58 -9.36 -3.61
C THR A 90 18.14 -8.02 -4.21
N GLY A 91 16.91 -7.60 -3.92
CA GLY A 91 16.41 -6.35 -4.46
C GLY A 91 14.94 -6.18 -4.17
N TRP A 92 14.34 -5.09 -4.67
CA TRP A 92 12.92 -4.83 -4.46
C TRP A 92 12.32 -4.11 -5.67
N VAL A 93 11.00 -4.10 -5.73
CA VAL A 93 10.29 -3.45 -6.83
C VAL A 93 9.07 -2.69 -6.30
N LEU A 94 8.80 -1.53 -6.88
CA LEU A 94 7.66 -0.70 -6.47
C LEU A 94 7.09 0.06 -7.66
N GLN A 4 -1.33 -4.59 -8.98
CA GLN A 4 -0.88 -4.28 -7.63
C GLN A 4 -1.73 -3.17 -7.02
N CYS A 5 -2.11 -2.21 -7.86
CA CYS A 5 -2.93 -1.08 -7.41
C CYS A 5 -4.40 -1.46 -7.46
N TYR A 6 -5.27 -0.59 -6.93
CA TYR A 6 -6.71 -0.86 -6.93
C TYR A 6 -7.52 0.43 -6.92
N PHE A 7 -8.47 0.51 -7.85
CA PHE A 7 -9.33 1.68 -7.98
C PHE A 7 -10.50 1.60 -7.00
N ILE A 8 -10.98 2.78 -6.58
CA ILE A 8 -12.12 2.86 -5.66
C ILE A 8 -13.20 3.77 -6.29
N PRO A 9 -14.45 3.38 -6.30
CA PRO A 9 -15.53 4.23 -6.88
C PRO A 9 -15.92 5.35 -5.93
N ASN A 10 -15.52 6.57 -6.27
CA ASN A 10 -15.82 7.73 -5.44
C ASN A 10 -17.25 7.67 -4.90
N GLN A 11 -17.37 7.80 -3.58
CA GLN A 11 -18.66 7.79 -2.91
C GLN A 11 -19.12 9.23 -2.67
N SER A 12 -18.36 10.19 -3.20
CA SER A 12 -18.69 11.61 -3.03
C SER A 12 -19.40 12.16 -4.26
N LEU A 13 -20.08 13.28 -4.04
CA LEU A 13 -20.81 13.95 -5.12
C LEU A 13 -20.09 15.25 -5.50
N LYS A 14 -18.82 15.38 -5.10
CA LYS A 14 -18.05 16.59 -5.41
C LYS A 14 -17.13 16.36 -6.62
N PRO A 15 -17.17 17.22 -7.63
CA PRO A 15 -16.30 17.07 -8.83
C PRO A 15 -14.86 17.49 -8.55
N ASN A 16 -14.63 18.07 -7.36
CA ASN A 16 -13.30 18.52 -6.97
C ASN A 16 -12.81 17.79 -5.72
N GLU A 17 -13.64 16.89 -5.20
CA GLU A 17 -13.28 16.12 -4.01
C GLU A 17 -13.84 14.70 -4.06
N CYS A 18 -13.02 13.75 -3.62
CA CYS A 18 -13.41 12.35 -3.57
C CYS A 18 -13.60 11.94 -2.13
N GLN A 19 -14.48 10.98 -1.90
CA GLN A 19 -14.74 10.49 -0.54
C GLN A 19 -14.37 9.01 -0.48
N ASP A 20 -13.70 8.61 0.60
CA ASP A 20 -13.30 7.20 0.76
C ASP A 20 -14.31 6.47 1.62
N LEU A 21 -14.01 5.22 1.95
CA LEU A 21 -14.90 4.42 2.78
C LEU A 21 -14.94 4.97 4.21
N LYS A 22 -13.86 5.66 4.60
CA LYS A 22 -13.76 6.22 5.93
C LYS A 22 -14.55 7.53 6.03
N GLY A 23 -15.27 7.85 4.97
CA GLY A 23 -16.06 9.07 4.95
C GLY A 23 -15.20 10.32 4.86
N VAL A 24 -13.89 10.13 4.70
CA VAL A 24 -12.96 11.25 4.61
C VAL A 24 -12.81 11.71 3.18
N SER A 25 -12.66 13.03 2.99
CA SER A 25 -12.53 13.61 1.65
C SER A 25 -11.19 14.32 1.47
N HIS A 26 -10.71 14.34 0.23
CA HIS A 26 -9.43 14.97 -0.10
C HIS A 26 -9.56 15.83 -1.36
N PRO A 27 -8.83 16.91 -1.47
CA PRO A 27 -8.89 17.79 -2.68
C PRO A 27 -8.45 17.04 -3.94
N LEU A 28 -9.02 17.42 -5.08
CA LEU A 28 -8.68 16.78 -6.36
C LEU A 28 -7.16 16.77 -6.56
N ASN A 29 -6.68 15.99 -7.54
CA ASN A 29 -5.25 15.90 -7.87
C ASN A 29 -4.37 15.78 -6.62
N SER A 30 -4.98 15.70 -5.44
CA SER A 30 -4.21 15.62 -4.21
C SER A 30 -3.85 14.18 -3.92
N VAL A 31 -2.61 13.97 -3.50
CA VAL A 31 -2.13 12.63 -3.19
C VAL A 31 -1.74 12.52 -1.71
N TRP A 32 -2.60 11.87 -0.94
CA TRP A 32 -2.34 11.67 0.48
C TRP A 32 -1.91 10.24 0.74
N LYS A 33 -1.42 10.00 1.93
CA LYS A 33 -0.95 8.67 2.32
C LYS A 33 -1.76 8.15 3.49
N THR A 34 -2.23 6.91 3.36
CA THR A 34 -3.03 6.28 4.40
C THR A 34 -2.15 5.46 5.33
N LYS A 35 -2.73 5.05 6.44
CA LYS A 35 -2.01 4.24 7.42
C LYS A 35 -1.87 2.80 6.92
N ASP A 36 -2.03 2.63 5.61
CA ASP A 36 -1.94 1.30 4.99
C ASP A 36 -0.84 1.27 3.94
N CYS A 37 0.23 2.02 4.17
CA CYS A 37 1.36 2.06 3.23
C CYS A 37 0.84 2.06 1.80
N GLU A 38 0.30 3.20 1.39
CA GLU A 38 -0.20 3.36 0.04
C GLU A 38 -0.42 4.84 -0.30
N GLU A 39 -0.56 5.13 -1.59
CA GLU A 39 -0.83 6.50 -2.05
C GLU A 39 -2.14 6.51 -2.82
N CYS A 40 -2.99 7.50 -2.53
CA CYS A 40 -4.28 7.61 -3.18
C CYS A 40 -4.49 9.00 -3.78
N THR A 41 -4.94 9.02 -5.04
CA THR A 41 -5.22 10.30 -5.72
C THR A 41 -6.71 10.39 -6.02
N CYS A 42 -7.27 11.54 -5.67
CA CYS A 42 -8.69 11.77 -5.90
C CYS A 42 -8.94 12.18 -7.34
N GLY A 43 -9.82 11.43 -8.00
CA GLY A 43 -10.18 11.71 -9.40
C GLY A 43 -11.52 12.43 -9.42
N GLN A 44 -12.38 12.05 -10.35
CA GLN A 44 -13.71 12.66 -10.46
C GLN A 44 -14.75 11.73 -9.86
N ASP A 45 -14.80 10.51 -10.39
CA ASP A 45 -15.75 9.49 -9.93
C ASP A 45 -15.00 8.29 -9.37
N ALA A 46 -13.69 8.42 -9.21
CA ALA A 46 -12.90 7.30 -8.70
C ALA A 46 -11.57 7.78 -8.16
N ILE A 47 -11.04 7.03 -7.20
CA ILE A 47 -9.76 7.33 -6.58
C ILE A 47 -8.75 6.27 -6.97
N SER A 48 -7.55 6.69 -7.37
CA SER A 48 -6.51 5.74 -7.76
C SER A 48 -5.60 5.48 -6.57
N CYS A 49 -5.73 4.28 -5.99
CA CYS A 49 -4.90 3.90 -4.85
C CYS A 49 -3.89 2.85 -5.24
N CYS A 50 -2.73 2.88 -4.59
CA CYS A 50 -1.70 1.90 -4.88
C CYS A 50 -0.70 1.76 -3.74
N ASN A 51 -0.06 0.58 -3.70
CA ASN A 51 0.92 0.27 -2.66
C ASN A 51 2.19 1.09 -2.85
N THR A 52 2.71 1.63 -1.75
CA THR A 52 3.93 2.44 -1.77
C THR A 52 4.98 1.84 -0.85
N ALA A 53 4.97 0.51 -0.81
CA ALA A 53 5.93 -0.25 0.00
C ALA A 53 6.90 -1.02 -0.87
N ALA A 54 8.21 -0.77 -0.72
CA ALA A 54 9.21 -1.46 -1.52
C ALA A 54 9.01 -2.96 -1.45
N ILE A 55 9.07 -3.61 -2.60
CA ILE A 55 8.87 -5.06 -2.68
C ILE A 55 10.22 -5.79 -2.67
N PRO A 56 10.73 -6.26 -1.54
CA PRO A 56 12.04 -6.97 -1.49
C PRO A 56 12.01 -8.24 -2.34
N THR A 57 13.20 -8.76 -2.67
CA THR A 57 13.28 -9.98 -3.47
C THR A 57 14.58 -10.73 -3.18
N GLY A 58 14.75 -11.87 -3.85
CA GLY A 58 15.95 -12.69 -3.69
C GLY A 58 15.92 -13.51 -2.40
N TYR A 59 14.87 -13.35 -1.60
CA TYR A 59 14.76 -14.08 -0.34
C TYR A 59 14.29 -15.51 -0.59
N ASP A 60 14.24 -16.31 0.48
CA ASP A 60 13.83 -17.70 0.37
C ASP A 60 12.31 -17.82 0.28
N THR A 61 11.81 -17.90 -0.93
CA THR A 61 10.37 -17.98 -1.14
C THR A 61 9.76 -19.18 -0.44
N ASN A 62 10.53 -20.24 -0.25
CA ASN A 62 10.02 -21.44 0.41
C ASN A 62 10.39 -21.42 1.89
N LYS A 63 11.33 -20.55 2.28
CA LYS A 63 11.78 -20.46 3.67
C LYS A 63 11.65 -19.03 4.20
N CYS A 64 10.88 -18.22 3.51
CA CYS A 64 10.64 -16.84 3.95
C CYS A 64 9.37 -16.26 3.34
N GLN A 65 8.90 -15.17 3.92
CA GLN A 65 7.69 -14.51 3.44
C GLN A 65 7.73 -13.01 3.73
N LYS A 66 7.23 -12.24 2.78
CA LYS A 66 7.18 -10.79 2.92
C LYS A 66 5.95 -10.38 3.72
N ILE A 67 6.17 -9.73 4.86
CA ILE A 67 5.08 -9.29 5.73
C ILE A 67 5.05 -7.77 5.82
N LEU A 68 4.07 -7.15 5.18
CA LEU A 68 3.97 -5.70 5.21
C LEU A 68 3.76 -5.22 6.65
N ASN A 69 4.37 -4.09 6.98
CA ASN A 69 4.27 -3.53 8.34
C ASN A 69 3.54 -2.19 8.30
N LYS A 70 2.45 -2.11 9.03
CA LYS A 70 1.65 -0.88 9.08
C LYS A 70 2.19 0.08 10.12
N LYS A 71 3.14 -0.39 10.92
CA LYS A 71 3.71 0.47 11.94
C LYS A 71 4.35 1.69 11.29
N THR A 72 5.29 1.45 10.36
CA THR A 72 5.98 2.55 9.67
C THR A 72 5.80 2.46 8.16
N CYS A 73 4.86 1.63 7.73
CA CYS A 73 4.59 1.47 6.30
C CYS A 73 5.87 1.03 5.56
N THR A 74 6.28 -0.21 5.79
CA THR A 74 7.48 -0.72 5.14
C THR A 74 7.42 -2.25 5.07
N TYR A 75 8.06 -2.83 4.07
CA TYR A 75 8.07 -4.29 3.92
C TYR A 75 9.25 -4.90 4.66
N THR A 76 9.03 -6.11 5.17
CA THR A 76 10.07 -6.85 5.88
C THR A 76 10.01 -8.28 5.38
N VAL A 77 11.08 -9.04 5.60
CA VAL A 77 11.11 -10.43 5.17
C VAL A 77 11.65 -11.27 6.31
N VAL A 78 10.83 -12.18 6.83
CA VAL A 78 11.24 -13.05 7.93
C VAL A 78 11.00 -14.50 7.58
N GLU A 79 11.73 -15.38 8.25
CA GLU A 79 11.59 -16.80 7.97
C GLU A 79 10.19 -17.27 8.35
N LYS A 80 9.58 -18.04 7.47
CA LYS A 80 8.24 -18.54 7.74
C LYS A 80 8.27 -19.33 9.05
N LYS A 81 9.36 -20.07 9.25
CA LYS A 81 9.53 -20.87 10.47
C LYS A 81 9.98 -19.98 11.63
N ASP A 82 10.60 -18.85 11.28
CA ASP A 82 11.09 -17.90 12.29
C ASP A 82 10.61 -16.48 11.92
N PRO A 83 9.51 -16.00 12.48
CA PRO A 83 9.01 -14.65 12.15
C PRO A 83 9.84 -13.57 12.85
N GLY A 84 10.71 -14.00 13.76
CA GLY A 84 11.57 -13.08 14.49
C GLY A 84 12.79 -12.70 13.69
N LYS A 85 13.37 -13.66 12.98
CA LYS A 85 14.56 -13.41 12.19
C LYS A 85 14.21 -12.90 10.81
N THR A 86 15.19 -12.25 10.19
CA THR A 86 15.01 -11.67 8.85
C THR A 86 15.55 -12.62 7.78
N CYS A 87 15.19 -12.33 6.52
CA CYS A 87 15.64 -13.15 5.40
C CYS A 87 16.63 -12.37 4.54
N ASP A 88 17.32 -13.07 3.65
CA ASP A 88 18.30 -12.44 2.77
C ASP A 88 17.56 -11.74 1.62
N VAL A 89 18.06 -10.57 1.20
CA VAL A 89 17.43 -9.85 0.09
C VAL A 89 18.53 -9.23 -0.77
N THR A 90 18.28 -9.13 -2.07
CA THR A 90 19.27 -8.54 -2.99
C THR A 90 18.83 -7.17 -3.48
N GLY A 91 17.60 -6.79 -3.14
CA GLY A 91 17.08 -5.49 -3.57
C GLY A 91 15.56 -5.45 -3.44
N TRP A 92 14.93 -4.44 -4.04
CA TRP A 92 13.47 -4.31 -3.98
C TRP A 92 12.94 -3.71 -5.28
N VAL A 93 11.63 -3.72 -5.40
CA VAL A 93 10.95 -3.17 -6.58
C VAL A 93 9.78 -2.27 -6.18
N LEU A 94 9.67 -1.13 -6.86
CA LEU A 94 8.59 -0.20 -6.57
C LEU A 94 8.40 0.75 -7.76
N GLN A 4 0.17 -3.51 -9.76
CA GLN A 4 0.46 -3.43 -8.33
C GLN A 4 -0.45 -2.42 -7.65
N CYS A 5 -0.99 -1.50 -8.45
CA CYS A 5 -1.89 -0.47 -7.92
C CYS A 5 -3.34 -0.92 -8.02
N TYR A 6 -4.24 -0.07 -7.56
CA TYR A 6 -5.68 -0.38 -7.63
C TYR A 6 -6.55 0.85 -7.48
N PHE A 7 -7.63 0.87 -8.24
CA PHE A 7 -8.58 1.99 -8.21
C PHE A 7 -9.72 1.71 -7.24
N ILE A 8 -10.32 2.78 -6.73
CA ILE A 8 -11.46 2.70 -5.80
C ILE A 8 -12.64 3.50 -6.38
N PRO A 9 -13.84 2.96 -6.36
CA PRO A 9 -15.02 3.72 -6.88
C PRO A 9 -15.45 4.82 -5.92
N ASN A 10 -15.14 6.06 -6.30
CA ASN A 10 -15.49 7.22 -5.48
C ASN A 10 -16.86 7.03 -4.84
N GLN A 11 -16.90 7.11 -3.50
CA GLN A 11 -18.16 6.95 -2.78
C GLN A 11 -18.82 8.32 -2.57
N SER A 12 -18.11 9.37 -2.98
CA SER A 12 -18.61 10.73 -2.83
C SER A 12 -19.43 11.15 -4.04
N LEU A 13 -20.15 12.26 -3.88
CA LEU A 13 -20.97 12.80 -4.95
C LEU A 13 -20.44 14.18 -5.38
N LYS A 14 -19.23 14.52 -4.92
CA LYS A 14 -18.63 15.81 -5.25
C LYS A 14 -17.82 15.72 -6.56
N PRO A 15 -17.91 16.68 -7.45
CA PRO A 15 -17.13 16.66 -8.72
C PRO A 15 -15.67 17.05 -8.51
N ASN A 16 -15.34 17.52 -7.30
CA ASN A 16 -13.98 17.94 -6.98
C ASN A 16 -13.46 17.29 -5.68
N GLU A 17 -14.20 16.31 -5.16
CA GLU A 17 -13.79 15.62 -3.93
C GLU A 17 -14.23 14.16 -3.96
N CYS A 18 -13.37 13.29 -3.42
CA CYS A 18 -13.65 11.85 -3.36
C CYS A 18 -13.73 11.45 -1.90
N GLN A 19 -14.54 10.43 -1.61
CA GLN A 19 -14.69 9.94 -0.25
C GLN A 19 -14.24 8.48 -0.17
N ASP A 20 -13.47 8.16 0.85
CA ASP A 20 -12.97 6.79 1.03
C ASP A 20 -13.95 5.98 1.88
N LEU A 21 -13.56 4.76 2.23
CA LEU A 21 -14.39 3.89 3.03
C LEU A 21 -14.31 4.30 4.50
N LYS A 22 -13.47 5.30 4.78
CA LYS A 22 -13.29 5.80 6.14
C LYS A 22 -14.12 7.05 6.36
N GLY A 23 -15.04 7.29 5.44
CA GLY A 23 -15.93 8.45 5.52
C GLY A 23 -15.16 9.75 5.37
N VAL A 24 -13.87 9.64 5.08
CA VAL A 24 -13.03 10.82 4.91
C VAL A 24 -12.97 11.23 3.44
N SER A 25 -12.79 12.53 3.20
CA SER A 25 -12.74 13.05 1.83
C SER A 25 -11.51 13.92 1.62
N HIS A 26 -11.03 13.99 0.38
CA HIS A 26 -9.86 14.79 0.04
C HIS A 26 -10.13 15.60 -1.24
N PRO A 27 -9.58 16.78 -1.35
CA PRO A 27 -9.78 17.63 -2.57
C PRO A 27 -9.20 16.95 -3.82
N LEU A 28 -9.76 17.28 -4.98
CA LEU A 28 -9.31 16.71 -6.24
C LEU A 28 -7.80 16.91 -6.39
N ASN A 29 -7.18 16.21 -7.36
CA ASN A 29 -5.74 16.35 -7.63
C ASN A 29 -4.90 16.24 -6.35
N SER A 30 -5.55 16.07 -5.21
CA SER A 30 -4.83 15.98 -3.95
C SER A 30 -4.36 14.56 -3.71
N VAL A 31 -3.24 14.42 -3.03
CA VAL A 31 -2.70 13.10 -2.75
C VAL A 31 -2.50 12.90 -1.25
N TRP A 32 -3.02 11.78 -0.76
CA TRP A 32 -2.91 11.44 0.66
C TRP A 32 -2.57 9.96 0.82
N LYS A 33 -2.10 9.61 1.99
CA LYS A 33 -1.72 8.23 2.29
C LYS A 33 -2.51 7.71 3.49
N THR A 34 -3.02 6.49 3.36
CA THR A 34 -3.82 5.89 4.44
C THR A 34 -2.99 4.90 5.26
N LYS A 35 -3.68 4.12 6.07
CA LYS A 35 -3.03 3.13 6.92
C LYS A 35 -2.03 2.31 6.11
N ASP A 36 -2.35 2.10 4.84
CA ASP A 36 -1.48 1.33 3.95
C ASP A 36 -0.36 2.19 3.38
N CYS A 37 -0.08 3.32 4.06
CA CYS A 37 0.99 4.24 3.63
C CYS A 37 1.07 4.25 2.09
N GLU A 38 -0.08 4.17 1.45
CA GLU A 38 -0.15 4.16 0.00
C GLU A 38 -0.29 5.58 -0.52
N GLU A 39 -0.42 5.72 -1.82
CA GLU A 39 -0.61 7.03 -2.45
C GLU A 39 -1.94 7.05 -3.18
N CYS A 40 -2.89 7.82 -2.66
CA CYS A 40 -4.23 7.90 -3.28
C CYS A 40 -4.52 9.30 -3.80
N THR A 41 -4.93 9.38 -5.07
CA THR A 41 -5.30 10.66 -5.67
C THR A 41 -6.79 10.64 -6.01
N CYS A 42 -7.50 11.68 -5.60
CA CYS A 42 -8.93 11.76 -5.86
C CYS A 42 -9.18 12.22 -7.28
N GLY A 43 -10.19 11.62 -7.92
CA GLY A 43 -10.57 11.96 -9.28
C GLY A 43 -12.02 12.41 -9.29
N GLN A 44 -12.70 12.18 -10.40
CA GLN A 44 -14.11 12.57 -10.49
C GLN A 44 -14.98 11.52 -9.84
N ASP A 45 -15.01 10.32 -10.43
CA ASP A 45 -15.79 9.22 -9.91
C ASP A 45 -14.89 8.03 -9.59
N ALA A 46 -13.61 8.31 -9.35
CA ALA A 46 -12.65 7.24 -9.05
C ALA A 46 -11.41 7.80 -8.36
N ILE A 47 -10.74 6.94 -7.60
CA ILE A 47 -9.53 7.30 -6.89
C ILE A 47 -8.40 6.35 -7.29
N SER A 48 -7.23 6.89 -7.58
CA SER A 48 -6.09 6.04 -7.98
C SER A 48 -5.19 5.81 -6.79
N CYS A 49 -5.19 4.57 -6.27
CA CYS A 49 -4.37 4.22 -5.12
C CYS A 49 -3.28 3.24 -5.51
N CYS A 50 -2.11 3.41 -4.92
CA CYS A 50 -0.99 2.50 -5.22
C CYS A 50 -0.03 2.36 -4.05
N ASN A 51 0.56 1.17 -3.97
CA ASN A 51 1.51 0.86 -2.91
C ASN A 51 2.82 1.64 -3.07
N THR A 52 3.22 2.32 -2.00
CA THR A 52 4.46 3.09 -2.01
C THR A 52 5.59 2.26 -1.40
N ALA A 53 5.22 1.20 -0.70
CA ALA A 53 6.20 0.32 -0.06
C ALA A 53 6.82 -0.64 -1.08
N ALA A 54 8.15 -0.67 -1.13
CA ALA A 54 8.87 -1.53 -2.05
C ALA A 54 8.66 -3.01 -1.69
N ILE A 55 8.59 -3.86 -2.71
CA ILE A 55 8.38 -5.29 -2.51
C ILE A 55 9.70 -6.09 -2.61
N PRO A 56 10.31 -6.50 -1.52
CA PRO A 56 11.59 -7.28 -1.57
C PRO A 56 11.41 -8.66 -2.20
N THR A 57 12.52 -9.29 -2.58
CA THR A 57 12.47 -10.61 -3.21
C THR A 57 13.78 -11.36 -3.04
N GLY A 58 13.87 -12.52 -3.69
CA GLY A 58 15.07 -13.34 -3.64
C GLY A 58 15.18 -14.10 -2.31
N TYR A 59 14.30 -13.79 -1.37
CA TYR A 59 14.34 -14.45 -0.08
C TYR A 59 13.72 -15.83 -0.18
N ASP A 60 13.96 -16.65 0.84
CA ASP A 60 13.45 -18.00 0.84
C ASP A 60 11.94 -18.00 1.02
N THR A 61 11.25 -17.99 -0.11
CA THR A 61 9.79 -17.95 -0.12
C THR A 61 9.21 -19.20 0.49
N ASN A 62 10.04 -20.23 0.67
CA ASN A 62 9.58 -21.47 1.25
C ASN A 62 9.87 -21.50 2.74
N LYS A 63 10.63 -20.52 3.22
CA LYS A 63 10.99 -20.45 4.64
C LYS A 63 10.52 -19.14 5.25
N CYS A 64 10.78 -18.02 4.56
CA CYS A 64 10.39 -16.70 5.07
C CYS A 64 9.21 -16.14 4.30
N GLN A 65 8.67 -15.03 4.81
CA GLN A 65 7.50 -14.39 4.19
C GLN A 65 7.65 -12.87 4.17
N LYS A 66 6.70 -12.22 3.51
CA LYS A 66 6.70 -10.76 3.41
C LYS A 66 5.71 -10.18 4.43
N ILE A 67 6.24 -9.42 5.39
CA ILE A 67 5.40 -8.80 6.42
C ILE A 67 5.59 -7.29 6.38
N LEU A 68 4.61 -6.60 5.81
CA LEU A 68 4.72 -5.15 5.69
C LEU A 68 4.49 -4.48 7.04
N ASN A 69 5.49 -3.72 7.49
CA ASN A 69 5.37 -3.03 8.77
C ASN A 69 4.61 -1.73 8.58
N LYS A 70 3.59 -1.52 9.40
CA LYS A 70 2.78 -0.30 9.30
C LYS A 70 3.31 0.77 10.23
N LYS A 71 4.38 0.45 10.94
CA LYS A 71 4.97 1.42 11.84
C LYS A 71 5.75 2.45 11.03
N THR A 72 6.71 1.97 10.25
CA THR A 72 7.55 2.86 9.45
C THR A 72 7.19 2.75 7.97
N CYS A 73 6.17 1.94 7.68
CA CYS A 73 5.72 1.76 6.31
C CYS A 73 6.86 1.24 5.43
N THR A 74 7.31 0.01 5.72
CA THR A 74 8.38 -0.61 4.95
C THR A 74 8.21 -2.13 4.95
N TYR A 75 8.71 -2.78 3.90
CA TYR A 75 8.60 -4.24 3.83
C TYR A 75 9.82 -4.91 4.47
N THR A 76 9.54 -5.99 5.19
CA THR A 76 10.59 -6.77 5.85
C THR A 76 10.36 -8.25 5.57
N VAL A 77 11.36 -9.06 5.84
CA VAL A 77 11.26 -10.50 5.60
C VAL A 77 11.81 -11.26 6.79
N VAL A 78 11.00 -12.16 7.35
CA VAL A 78 11.43 -12.97 8.50
C VAL A 78 10.93 -14.40 8.32
N GLU A 79 11.56 -15.31 9.05
CA GLU A 79 11.20 -16.72 8.97
C GLU A 79 9.76 -16.95 9.42
N LYS A 80 9.07 -17.84 8.71
CA LYS A 80 7.70 -18.17 9.05
C LYS A 80 7.67 -18.78 10.47
N LYS A 81 8.66 -19.63 10.74
CA LYS A 81 8.76 -20.27 12.05
C LYS A 81 9.14 -19.26 13.11
N ASP A 82 9.62 -18.12 12.65
CA ASP A 82 10.02 -17.04 13.56
C ASP A 82 9.86 -15.69 12.87
N PRO A 83 8.79 -14.96 13.11
CA PRO A 83 8.57 -13.65 12.44
C PRO A 83 9.40 -12.55 13.07
N GLY A 84 10.38 -12.94 13.88
CA GLY A 84 11.26 -12.00 14.56
C GLY A 84 12.73 -12.23 14.20
N LYS A 85 13.00 -13.16 13.28
CA LYS A 85 14.38 -13.47 12.88
C LYS A 85 14.82 -12.61 11.69
N THR A 86 15.29 -13.25 10.61
CA THR A 86 15.72 -12.53 9.42
C THR A 86 15.90 -13.51 8.25
N CYS A 87 15.63 -13.04 7.03
CA CYS A 87 15.82 -13.86 5.82
C CYS A 87 16.96 -13.28 4.99
N ASP A 88 16.75 -13.17 3.69
CA ASP A 88 17.78 -12.62 2.79
C ASP A 88 17.12 -12.04 1.55
N VAL A 89 17.41 -10.79 1.19
CA VAL A 89 16.82 -10.17 0.01
C VAL A 89 17.91 -9.65 -0.90
N THR A 90 17.68 -9.72 -2.21
CA THR A 90 18.69 -9.25 -3.17
C THR A 90 18.21 -8.00 -3.91
N GLY A 91 16.99 -7.57 -3.62
CA GLY A 91 16.45 -6.38 -4.27
C GLY A 91 14.96 -6.25 -4.00
N TRP A 92 14.31 -5.33 -4.71
CA TRP A 92 12.87 -5.11 -4.55
C TRP A 92 12.25 -4.65 -5.87
N VAL A 93 10.92 -4.68 -5.91
CA VAL A 93 10.18 -4.26 -7.10
C VAL A 93 8.98 -3.41 -6.72
N LEU A 94 8.75 -2.34 -7.48
CA LEU A 94 7.62 -1.45 -7.22
C LEU A 94 7.15 -0.79 -8.53
N GLN A 4 0.82 -3.02 -8.93
CA GLN A 4 1.34 -2.73 -7.60
C GLN A 4 0.45 -1.72 -6.89
N CYS A 5 -0.51 -1.17 -7.64
CA CYS A 5 -1.45 -0.19 -7.09
C CYS A 5 -2.86 -0.76 -7.09
N TYR A 6 -3.78 -0.07 -6.40
CA TYR A 6 -5.17 -0.52 -6.32
C TYR A 6 -6.15 0.64 -6.39
N PHE A 7 -7.20 0.45 -7.18
CA PHE A 7 -8.24 1.47 -7.36
C PHE A 7 -9.42 1.21 -6.44
N ILE A 8 -10.00 2.29 -5.90
CA ILE A 8 -11.16 2.19 -5.01
C ILE A 8 -12.36 2.88 -5.69
N PRO A 9 -13.53 2.28 -5.69
CA PRO A 9 -14.71 2.92 -6.31
C PRO A 9 -15.24 4.06 -5.43
N ASN A 10 -15.02 5.29 -5.88
CA ASN A 10 -15.46 6.45 -5.13
C ASN A 10 -16.90 6.29 -4.68
N GLN A 11 -17.11 6.36 -3.37
CA GLN A 11 -18.45 6.22 -2.82
C GLN A 11 -19.20 7.54 -2.91
N SER A 12 -18.51 8.60 -3.34
CA SER A 12 -19.13 9.91 -3.45
C SER A 12 -19.86 10.06 -4.78
N LEU A 13 -20.89 10.90 -4.77
CA LEU A 13 -21.67 11.15 -5.97
C LEU A 13 -21.25 12.47 -6.62
N LYS A 14 -20.19 13.11 -6.08
CA LYS A 14 -19.71 14.39 -6.64
C LYS A 14 -18.39 14.20 -7.41
N PRO A 15 -18.27 14.70 -8.63
CA PRO A 15 -17.02 14.57 -9.42
C PRO A 15 -15.93 15.54 -8.94
N ASN A 16 -16.31 16.44 -8.04
CA ASN A 16 -15.37 17.44 -7.52
C ASN A 16 -14.55 16.89 -6.36
N GLU A 17 -14.99 15.77 -5.79
CA GLU A 17 -14.31 15.16 -4.66
C GLU A 17 -14.51 13.65 -4.67
N CYS A 18 -13.78 12.95 -3.80
CA CYS A 18 -13.93 11.50 -3.69
C CYS A 18 -14.17 11.12 -2.23
N GLN A 19 -15.10 10.20 -1.99
CA GLN A 19 -15.43 9.77 -0.63
C GLN A 19 -14.76 8.43 -0.31
N ASP A 20 -13.99 8.41 0.77
CA ASP A 20 -13.31 7.20 1.19
C ASP A 20 -14.20 6.40 2.15
N LEU A 21 -13.74 5.23 2.56
CA LEU A 21 -14.51 4.39 3.46
C LEU A 21 -14.66 5.07 4.84
N LYS A 22 -13.69 5.91 5.18
CA LYS A 22 -13.71 6.60 6.47
C LYS A 22 -14.66 7.79 6.42
N GLY A 23 -15.41 7.90 5.34
CA GLY A 23 -16.37 8.99 5.20
C GLY A 23 -15.67 10.33 5.07
N VAL A 24 -14.41 10.31 4.66
CA VAL A 24 -13.62 11.53 4.50
C VAL A 24 -13.51 11.90 3.02
N SER A 25 -13.58 13.20 2.72
CA SER A 25 -13.51 13.68 1.34
C SER A 25 -12.16 14.36 1.06
N HIS A 26 -11.78 14.40 -0.21
CA HIS A 26 -10.53 15.03 -0.62
C HIS A 26 -10.73 15.75 -1.96
N PRO A 27 -10.06 16.86 -2.19
CA PRO A 27 -10.21 17.61 -3.47
C PRO A 27 -9.76 16.78 -4.68
N LEU A 28 -10.49 16.93 -5.79
CA LEU A 28 -10.19 16.19 -7.02
C LEU A 28 -8.82 16.56 -7.59
N ASN A 29 -8.05 15.54 -7.99
CA ASN A 29 -6.73 15.73 -8.58
C ASN A 29 -5.64 15.90 -7.51
N SER A 30 -6.06 16.08 -6.27
CA SER A 30 -5.12 16.28 -5.18
C SER A 30 -4.54 14.96 -4.72
N VAL A 31 -3.39 15.03 -4.07
CA VAL A 31 -2.71 13.84 -3.58
C VAL A 31 -2.48 13.95 -2.08
N TRP A 32 -2.58 12.81 -1.41
CA TRP A 32 -2.34 12.74 0.03
C TRP A 32 -1.83 11.36 0.39
N LYS A 33 -1.34 11.24 1.61
CA LYS A 33 -0.80 9.98 2.10
C LYS A 33 -1.42 9.62 3.44
N THR A 34 -1.64 8.33 3.67
CA THR A 34 -2.23 7.85 4.91
C THR A 34 -1.17 7.22 5.80
N LYS A 35 -1.60 6.72 6.96
CA LYS A 35 -0.69 6.08 7.90
C LYS A 35 0.02 4.90 7.24
N ASP A 36 -0.59 4.37 6.18
CA ASP A 36 -0.03 3.23 5.47
C ASP A 36 1.04 3.68 4.47
N CYS A 37 1.67 4.81 4.75
CA CYS A 37 2.71 5.35 3.87
C CYS A 37 2.32 5.22 2.41
N GLU A 38 1.05 5.00 2.15
CA GLU A 38 0.55 4.87 0.78
C GLU A 38 0.20 6.24 0.22
N GLU A 39 -0.06 6.30 -1.09
CA GLU A 39 -0.43 7.56 -1.74
C GLU A 39 -1.72 7.39 -2.51
N CYS A 40 -2.65 8.35 -2.34
CA CYS A 40 -3.95 8.27 -3.01
C CYS A 40 -4.31 9.60 -3.68
N THR A 41 -4.92 9.51 -4.85
CA THR A 41 -5.37 10.70 -5.59
C THR A 41 -6.85 10.57 -5.89
N CYS A 42 -7.59 11.61 -5.59
CA CYS A 42 -9.04 11.62 -5.81
C CYS A 42 -9.35 11.89 -7.28
N GLY A 43 -10.14 11.00 -7.88
CA GLY A 43 -10.53 11.13 -9.27
C GLY A 43 -11.99 11.56 -9.36
N GLN A 44 -12.63 11.24 -10.48
CA GLN A 44 -14.01 11.59 -10.69
C GLN A 44 -14.92 10.65 -9.93
N ASP A 45 -14.84 9.37 -10.27
CA ASP A 45 -15.67 8.35 -9.63
C ASP A 45 -14.81 7.19 -9.14
N ALA A 46 -13.50 7.41 -8.99
CA ALA A 46 -12.62 6.34 -8.53
C ALA A 46 -11.30 6.91 -8.01
N ILE A 47 -10.94 6.50 -6.80
CA ILE A 47 -9.68 6.95 -6.20
C ILE A 47 -8.56 6.01 -6.63
N SER A 48 -7.38 6.55 -6.91
CA SER A 48 -6.24 5.71 -7.32
C SER A 48 -5.23 5.69 -6.19
N CYS A 49 -5.08 4.53 -5.57
CA CYS A 49 -4.14 4.37 -4.45
C CYS A 49 -3.01 3.42 -4.80
N CYS A 50 -1.82 3.76 -4.32
CA CYS A 50 -0.65 2.91 -4.56
C CYS A 50 0.26 2.81 -3.35
N ASN A 51 0.94 1.67 -3.27
CA ASN A 51 1.86 1.39 -2.17
C ASN A 51 3.24 1.95 -2.48
N THR A 52 3.79 2.69 -1.52
CA THR A 52 5.13 3.28 -1.68
C THR A 52 6.18 2.41 -1.01
N ALA A 53 5.75 1.32 -0.39
CA ALA A 53 6.69 0.43 0.29
C ALA A 53 7.38 -0.51 -0.72
N ALA A 54 8.71 -0.58 -0.62
CA ALA A 54 9.49 -1.41 -1.51
C ALA A 54 9.13 -2.88 -1.37
N ILE A 55 9.02 -3.59 -2.50
CA ILE A 55 8.67 -5.01 -2.50
C ILE A 55 9.93 -5.88 -2.61
N PRO A 56 10.48 -6.40 -1.53
CA PRO A 56 11.72 -7.26 -1.60
C PRO A 56 11.44 -8.59 -2.30
N THR A 57 12.50 -9.22 -2.79
CA THR A 57 12.36 -10.51 -3.47
C THR A 57 13.66 -11.32 -3.38
N GLY A 58 13.66 -12.46 -4.05
CA GLY A 58 14.83 -13.34 -4.06
C GLY A 58 14.91 -14.23 -2.83
N TYR A 59 13.92 -14.12 -1.93
CA TYR A 59 13.92 -14.94 -0.72
C TYR A 59 13.40 -16.33 -1.02
N ASP A 60 13.37 -17.18 0.01
CA ASP A 60 12.92 -18.55 -0.17
C ASP A 60 11.40 -18.61 -0.21
N THR A 61 10.86 -18.63 -1.41
CA THR A 61 9.41 -18.67 -1.59
C THR A 61 8.80 -19.89 -0.95
N ASN A 62 9.62 -20.89 -0.66
CA ASN A 62 9.12 -22.12 -0.04
C ASN A 62 9.45 -22.14 1.46
N LYS A 63 10.32 -21.23 1.90
CA LYS A 63 10.73 -21.17 3.30
C LYS A 63 10.70 -19.73 3.82
N CYS A 64 10.01 -18.87 3.09
CA CYS A 64 9.90 -17.46 3.50
C CYS A 64 8.66 -16.81 2.89
N GLN A 65 8.21 -15.74 3.53
CA GLN A 65 7.03 -15.00 3.07
C GLN A 65 7.20 -13.49 3.27
N LYS A 66 6.57 -12.71 2.40
CA LYS A 66 6.66 -11.25 2.48
C LYS A 66 5.53 -10.69 3.34
N ILE A 67 5.91 -9.88 4.34
CA ILE A 67 4.94 -9.28 5.25
C ILE A 67 5.24 -7.80 5.45
N LEU A 68 4.22 -6.95 5.38
CA LEU A 68 4.41 -5.51 5.55
C LEU A 68 4.17 -5.11 7.01
N ASN A 69 5.19 -4.53 7.62
CA ASN A 69 5.10 -4.09 9.00
C ASN A 69 4.33 -2.78 9.04
N LYS A 70 3.26 -2.76 9.81
CA LYS A 70 2.43 -1.56 9.88
C LYS A 70 2.98 -0.57 10.91
N LYS A 71 3.93 -1.00 11.71
CA LYS A 71 4.51 -0.10 12.69
C LYS A 71 5.23 1.03 11.98
N THR A 72 6.16 0.68 11.09
CA THR A 72 6.95 1.68 10.36
C THR A 72 6.65 1.64 8.86
N CYS A 73 5.59 0.94 8.48
CA CYS A 73 5.22 0.82 7.08
C CYS A 73 6.44 0.48 6.21
N THR A 74 6.95 -0.73 6.39
CA THR A 74 8.09 -1.21 5.64
C THR A 74 7.96 -2.70 5.40
N TYR A 75 8.47 -3.17 4.26
CA TYR A 75 8.40 -4.58 3.94
C TYR A 75 9.52 -5.35 4.62
N THR A 76 9.17 -6.53 5.12
CA THR A 76 10.11 -7.41 5.79
C THR A 76 9.81 -8.84 5.37
N VAL A 77 10.80 -9.70 5.41
CA VAL A 77 10.61 -11.10 5.04
C VAL A 77 11.10 -11.99 6.17
N VAL A 78 10.30 -12.98 6.56
CA VAL A 78 10.68 -13.89 7.63
C VAL A 78 10.41 -15.33 7.21
N GLU A 79 11.06 -16.26 7.88
CA GLU A 79 10.88 -17.67 7.54
C GLU A 79 9.52 -18.16 8.00
N LYS A 80 8.80 -18.82 7.10
CA LYS A 80 7.48 -19.35 7.46
C LYS A 80 7.59 -20.20 8.73
N LYS A 81 8.66 -20.99 8.82
CA LYS A 81 8.88 -21.85 9.98
C LYS A 81 9.34 -21.03 11.17
N ASP A 82 9.93 -19.88 10.89
CA ASP A 82 10.43 -18.99 11.95
C ASP A 82 9.93 -17.56 11.71
N PRO A 83 8.86 -17.13 12.34
CA PRO A 83 8.34 -15.76 12.15
C PRO A 83 9.16 -14.75 12.95
N GLY A 84 10.12 -15.28 13.71
CA GLY A 84 10.99 -14.45 14.55
C GLY A 84 12.36 -14.24 13.90
N LYS A 85 12.54 -14.73 12.67
CA LYS A 85 13.82 -14.56 11.97
C LYS A 85 13.60 -14.10 10.54
N THR A 86 14.60 -13.40 10.03
CA THR A 86 14.56 -12.85 8.69
C THR A 86 14.98 -13.88 7.64
N CYS A 87 14.74 -13.55 6.37
CA CYS A 87 15.10 -14.43 5.26
C CYS A 87 16.32 -13.88 4.52
N ASP A 88 16.21 -13.76 3.21
CA ASP A 88 17.30 -13.23 2.39
C ASP A 88 16.69 -12.53 1.17
N VAL A 89 17.13 -11.31 0.88
CA VAL A 89 16.60 -10.57 -0.26
C VAL A 89 17.75 -10.04 -1.10
N THR A 90 17.59 -10.07 -2.41
CA THR A 90 18.64 -9.59 -3.32
C THR A 90 18.30 -8.22 -3.90
N GLY A 91 17.12 -7.71 -3.56
CA GLY A 91 16.71 -6.40 -4.06
C GLY A 91 15.22 -6.18 -3.82
N TRP A 92 14.66 -5.15 -4.46
CA TRP A 92 13.24 -4.85 -4.30
C TRP A 92 12.69 -4.16 -5.55
N VAL A 93 11.37 -4.03 -5.59
CA VAL A 93 10.68 -3.39 -6.71
C VAL A 93 9.60 -2.44 -6.19
N LEU A 94 9.49 -1.28 -6.83
CA LEU A 94 8.48 -0.29 -6.43
C LEU A 94 7.86 0.34 -7.68
#